data_2Y75
#
_entry.id   2Y75
#
_cell.length_a   98.700
_cell.length_b   103.700
_cell.length_c   106.530
_cell.angle_alpha   90.00
_cell.angle_beta   90.00
_cell.angle_gamma   90.00
#
_symmetry.space_group_name_H-M   'P 21 21 21'
#
loop_
_entity.id
_entity.type
_entity.pdbx_description
1 polymer 'HTH-TYPE TRANSCRIPTIONAL REGULATOR CYMR'
2 non-polymer 'SULFATE ION'
3 non-polymer 'CHLORIDE ION'
4 water water
#
_entity_poly.entity_id   1
_entity_poly.type   'polypeptide(L)'
_entity_poly.pdbx_seq_one_letter_code
;MLKISTKGRYGLTIMIELAKKHGEGPTSLKSIAQTNNLSEHYLEQLVSPLRNAGLVKSIRGAYGGYVLGSEPDAITAGDI
IRVLEGPISPVEVLEDEEPAKRELWIRIRDAVKEVLDSTTLEDLASYTD
;
_entity_poly.pdbx_strand_id   A,B,C,D,E,F
#
# COMPACT_ATOMS: atom_id res chain seq x y z
N MET A 1 7.79 5.45 0.44
CA MET A 1 7.31 6.76 0.88
C MET A 1 6.61 7.48 -0.25
N LEU A 2 7.04 7.23 -1.50
CA LEU A 2 6.52 7.95 -2.67
C LEU A 2 5.39 7.33 -3.46
N LYS A 3 4.48 8.18 -3.96
CA LYS A 3 3.36 7.76 -4.78
C LYS A 3 3.79 7.60 -6.27
N ILE A 4 4.99 6.97 -6.52
CA ILE A 4 5.55 6.69 -7.86
C ILE A 4 5.09 5.30 -8.27
N SER A 5 4.13 5.24 -9.20
CA SER A 5 3.54 3.99 -9.66
C SER A 5 4.20 3.44 -10.95
N THR A 6 3.65 2.33 -11.49
CA THR A 6 4.10 1.72 -12.75
C THR A 6 3.98 2.76 -13.91
N LYS A 7 2.92 3.59 -13.90
CA LYS A 7 2.68 4.70 -14.85
C LYS A 7 3.88 5.66 -14.89
N GLY A 8 4.33 6.11 -13.72
CA GLY A 8 5.47 7.01 -13.60
C GLY A 8 6.75 6.36 -14.03
N ARG A 9 6.99 5.10 -13.60
CA ARG A 9 8.20 4.35 -13.96
C ARG A 9 8.32 4.21 -15.48
N TYR A 10 7.24 3.75 -16.13
CA TYR A 10 7.24 3.52 -17.58
C TYR A 10 7.12 4.77 -18.44
N GLY A 11 6.53 5.80 -17.86
CA GLY A 11 6.47 7.11 -18.49
C GLY A 11 7.88 7.68 -18.55
N LEU A 12 8.68 7.46 -17.47
CA LEU A 12 10.10 7.87 -17.46
C LEU A 12 10.89 7.05 -18.50
N THR A 13 10.61 5.76 -18.60
CA THR A 13 11.26 4.87 -19.57
C THR A 13 11.11 5.43 -21.00
N ILE A 14 9.87 5.80 -21.39
CA ILE A 14 9.58 6.36 -22.72
C ILE A 14 10.46 7.59 -22.95
N MET A 15 10.44 8.53 -22.00
CA MET A 15 11.17 9.80 -22.09
C MET A 15 12.68 9.63 -22.17
N ILE A 16 13.23 8.69 -21.41
CA ILE A 16 14.65 8.38 -21.38
C ILE A 16 15.06 7.80 -22.75
N GLU A 17 14.24 6.85 -23.29
CA GLU A 17 14.53 6.23 -24.60
C GLU A 17 14.54 7.29 -25.71
N LEU A 18 13.57 8.20 -25.64
CA LEU A 18 13.49 9.29 -26.61
C LEU A 18 14.68 10.25 -26.47
N ALA A 19 15.14 10.51 -25.23
CA ALA A 19 16.30 11.38 -24.99
C ALA A 19 17.56 10.75 -25.57
N LYS A 20 17.72 9.42 -25.43
CA LYS A 20 18.88 8.70 -25.96
C LYS A 20 18.94 8.77 -27.49
N LYS A 21 17.76 8.82 -28.13
CA LYS A 21 17.61 8.84 -29.59
C LYS A 21 17.35 10.25 -30.14
N HIS A 22 17.58 11.29 -29.32
CA HIS A 22 17.34 12.68 -29.73
C HIS A 22 18.23 13.04 -30.94
N GLY A 23 17.59 13.55 -32.00
CA GLY A 23 18.23 13.89 -33.27
C GLY A 23 18.48 12.69 -34.18
N GLU A 24 17.94 11.50 -33.82
CA GLU A 24 18.13 10.28 -34.61
C GLU A 24 16.83 9.80 -35.25
N GLY A 25 15.91 10.72 -35.51
CA GLY A 25 14.63 10.40 -36.12
C GLY A 25 13.61 9.83 -35.15
N PRO A 26 12.37 9.56 -35.61
CA PRO A 26 11.33 9.05 -34.70
C PRO A 26 11.60 7.64 -34.15
N THR A 27 11.02 7.34 -32.97
CA THR A 27 11.12 6.02 -32.33
C THR A 27 9.71 5.52 -32.06
N SER A 28 9.39 4.28 -32.44
CA SER A 28 8.06 3.74 -32.17
C SER A 28 7.91 3.23 -30.73
N LEU A 29 6.66 3.23 -30.23
CA LEU A 29 6.34 2.67 -28.93
C LEU A 29 6.62 1.18 -28.96
N LYS A 30 6.41 0.52 -30.12
CA LYS A 30 6.72 -0.90 -30.29
C LYS A 30 8.21 -1.16 -29.99
N SER A 31 9.15 -0.36 -30.55
CA SER A 31 10.57 -0.59 -30.27
C SER A 31 10.96 -0.28 -28.81
N ILE A 32 10.34 0.77 -28.20
CA ILE A 32 10.60 1.10 -26.80
C ILE A 32 10.12 -0.09 -25.92
N ALA A 33 8.93 -0.63 -26.23
CA ALA A 33 8.36 -1.79 -25.53
C ALA A 33 9.24 -3.01 -25.68
N GLN A 34 9.76 -3.26 -26.91
CA GLN A 34 10.65 -4.39 -27.20
C GLN A 34 11.96 -4.27 -26.41
N THR A 35 12.58 -3.08 -26.42
CA THR A 35 13.83 -2.80 -25.69
C THR A 35 13.64 -3.07 -24.18
N ASN A 36 12.48 -2.68 -23.64
CA ASN A 36 12.22 -2.78 -22.20
C ASN A 36 11.37 -3.95 -21.73
N ASN A 37 11.10 -4.94 -22.62
CA ASN A 37 10.39 -6.18 -22.33
C ASN A 37 9.04 -5.96 -21.64
N LEU A 38 8.19 -5.14 -22.25
CA LEU A 38 6.85 -4.92 -21.73
C LEU A 38 5.88 -4.73 -22.89
N SER A 39 4.59 -4.61 -22.61
CA SER A 39 3.58 -4.48 -23.65
C SER A 39 3.52 -3.07 -24.21
N GLU A 40 3.53 -2.97 -25.55
CA GLU A 40 3.36 -1.71 -26.28
C GLU A 40 2.01 -1.12 -25.90
N HIS A 41 1.01 -1.99 -25.67
CA HIS A 41 -0.36 -1.60 -25.33
C HIS A 41 -0.49 -1.08 -23.90
N TYR A 42 0.52 -1.37 -23.06
CA TYR A 42 0.56 -0.78 -21.73
C TYR A 42 1.16 0.65 -21.92
N LEU A 43 2.29 0.78 -22.69
CA LEU A 43 2.93 2.07 -22.97
C LEU A 43 1.99 3.07 -23.66
N GLU A 44 1.11 2.60 -24.56
CA GLU A 44 0.14 3.45 -25.29
C GLU A 44 -0.73 4.31 -24.38
N GLN A 45 -1.06 3.78 -23.18
CA GLN A 45 -1.86 4.46 -22.15
C GLN A 45 -1.12 5.67 -21.53
N LEU A 46 0.22 5.67 -21.60
CA LEU A 46 1.09 6.69 -21.00
C LEU A 46 1.43 7.83 -21.94
N VAL A 47 1.50 7.56 -23.27
CA VAL A 47 1.87 8.59 -24.26
C VAL A 47 0.91 9.74 -24.39
N SER A 48 -0.41 9.45 -24.41
CA SER A 48 -1.44 10.47 -24.60
C SER A 48 -1.26 11.69 -23.70
N PRO A 49 -1.11 11.54 -22.36
CA PRO A 49 -0.86 12.74 -21.53
C PRO A 49 0.49 13.41 -21.83
N LEU A 50 1.54 12.60 -22.14
CA LEU A 50 2.85 13.17 -22.45
C LEU A 50 2.78 14.03 -23.76
N ARG A 51 2.00 13.55 -24.72
CA ARG A 51 1.75 14.25 -25.99
C ARG A 51 0.94 15.54 -25.73
N ASN A 52 -0.14 15.45 -24.93
CA ASN A 52 -0.96 16.62 -24.59
C ASN A 52 -0.17 17.71 -23.90
N ALA A 53 0.82 17.31 -23.07
CA ALA A 53 1.69 18.24 -22.35
C ALA A 53 2.81 18.82 -23.22
N GLY A 54 2.94 18.34 -24.46
CA GLY A 54 3.97 18.79 -25.39
C GLY A 54 5.34 18.25 -25.04
N LEU A 55 5.39 17.18 -24.21
CA LEU A 55 6.67 16.58 -23.80
C LEU A 55 7.18 15.66 -24.89
N VAL A 56 6.25 15.11 -25.68
CA VAL A 56 6.50 14.25 -26.84
C VAL A 56 5.72 14.80 -28.05
N LYS A 57 6.24 14.54 -29.25
CA LYS A 57 5.57 14.90 -30.50
C LYS A 57 5.43 13.62 -31.30
N SER A 58 4.27 13.42 -31.88
CA SER A 58 3.99 12.27 -32.72
C SER A 58 4.26 12.66 -34.19
N ILE A 59 5.08 11.85 -34.88
CA ILE A 59 5.40 12.03 -36.30
C ILE A 59 4.69 10.93 -37.13
N GLY A 64 6.78 6.22 -38.33
CA GLY A 64 5.73 6.08 -37.32
C GLY A 64 6.23 5.98 -35.88
N GLY A 65 6.49 7.13 -35.27
CA GLY A 65 7.00 7.19 -33.93
C GLY A 65 7.00 8.54 -33.25
N TYR A 66 7.78 8.63 -32.18
CA TYR A 66 7.83 9.80 -31.32
C TYR A 66 9.18 10.42 -31.23
N VAL A 67 9.19 11.71 -30.95
CA VAL A 67 10.39 12.52 -30.68
C VAL A 67 10.07 13.35 -29.44
N LEU A 68 11.09 13.92 -28.80
CA LEU A 68 10.90 14.80 -27.65
C LEU A 68 10.31 16.10 -28.12
N GLY A 69 9.51 16.74 -27.27
CA GLY A 69 8.88 18.01 -27.59
C GLY A 69 9.78 19.21 -27.28
N SER A 70 10.95 18.97 -26.67
CA SER A 70 11.94 19.97 -26.29
C SER A 70 13.28 19.28 -26.25
N GLU A 71 14.36 20.05 -26.04
CA GLU A 71 15.71 19.50 -25.91
C GLU A 71 15.79 18.67 -24.59
N PRO A 72 16.58 17.58 -24.56
CA PRO A 72 16.68 16.76 -23.32
C PRO A 72 17.05 17.53 -22.06
N ASP A 73 17.87 18.61 -22.19
CA ASP A 73 18.28 19.43 -21.04
C ASP A 73 17.17 20.34 -20.54
N ALA A 74 16.07 20.47 -21.28
CA ALA A 74 14.94 21.33 -20.94
C ALA A 74 13.75 20.55 -20.33
N ILE A 75 13.89 19.23 -20.17
CA ILE A 75 12.81 18.38 -19.61
C ILE A 75 13.34 17.72 -18.34
N THR A 76 12.57 17.83 -17.23
CA THR A 76 12.97 17.22 -15.96
C THR A 76 12.13 16.00 -15.62
N ALA A 77 12.65 15.15 -14.68
CA ALA A 77 11.88 14.00 -14.18
C ALA A 77 10.56 14.56 -13.56
N GLY A 78 10.63 15.72 -12.88
CA GLY A 78 9.48 16.40 -12.28
C GLY A 78 8.41 16.78 -13.29
N ASP A 79 8.81 17.29 -14.47
CA ASP A 79 7.86 17.63 -15.55
C ASP A 79 7.05 16.42 -15.97
N ILE A 80 7.71 15.25 -16.06
CA ILE A 80 7.09 14.01 -16.50
C ILE A 80 6.15 13.44 -15.42
N ILE A 81 6.66 13.37 -14.17
CA ILE A 81 5.89 12.83 -13.05
C ILE A 81 4.59 13.62 -12.81
N ARG A 82 4.65 14.95 -12.86
CA ARG A 82 3.49 15.83 -12.66
C ARG A 82 2.35 15.53 -13.64
N VAL A 83 2.70 15.21 -14.90
CA VAL A 83 1.72 14.91 -15.93
C VAL A 83 1.09 13.53 -15.72
N LEU A 84 1.90 12.54 -15.39
CA LEU A 84 1.39 11.20 -15.25
C LEU A 84 0.81 10.86 -13.89
N GLU A 85 1.37 11.42 -12.81
CA GLU A 85 0.97 11.01 -11.44
C GLU A 85 0.32 12.07 -10.60
N GLY A 86 0.42 13.31 -11.04
CA GLY A 86 -0.19 14.37 -10.29
C GLY A 86 0.82 15.12 -9.46
N PRO A 87 0.34 15.97 -8.54
CA PRO A 87 1.28 16.84 -7.83
C PRO A 87 2.34 16.17 -6.99
N ILE A 88 3.50 16.83 -6.88
CA ILE A 88 4.65 16.37 -6.10
C ILE A 88 4.60 16.94 -4.67
N SER A 89 4.06 18.15 -4.48
CA SER A 89 3.99 18.83 -3.18
C SER A 89 3.10 18.23 -2.07
N PRO A 90 1.90 17.63 -2.35
CA PRO A 90 1.07 17.12 -1.24
C PRO A 90 1.75 16.09 -0.37
N VAL A 91 1.61 16.29 0.94
CA VAL A 91 2.12 15.39 1.97
C VAL A 91 0.97 15.10 2.99
N GLU A 92 0.93 13.90 3.55
CA GLU A 92 -0.11 13.51 4.52
C GLU A 92 0.10 14.31 5.78
N VAL A 93 -0.98 14.92 6.29
CA VAL A 93 -0.95 15.78 7.48
C VAL A 93 -1.97 15.39 8.54
N LEU A 94 -1.80 15.91 9.77
CA LEU A 94 -2.81 15.74 10.81
C LEU A 94 -3.56 17.08 10.88
N GLU A 95 -4.86 17.05 11.25
CA GLU A 95 -5.64 18.29 11.42
C GLU A 95 -5.07 18.99 12.66
N ASP A 96 -4.89 20.32 12.58
CA ASP A 96 -4.33 21.17 13.65
C ASP A 96 -2.88 20.78 13.98
N GLU A 97 -2.16 20.33 12.92
CA GLU A 97 -0.76 19.93 12.94
C GLU A 97 0.11 20.98 13.65
N GLU A 98 0.97 20.52 14.55
CA GLU A 98 1.89 21.45 15.19
C GLU A 98 3.16 21.54 14.35
N PRO A 99 3.75 22.75 14.21
CA PRO A 99 4.95 22.90 13.35
C PRO A 99 6.11 21.94 13.60
N ALA A 100 6.47 21.69 14.87
CA ALA A 100 7.58 20.80 15.24
C ALA A 100 7.36 19.35 14.76
N LYS A 101 6.10 18.89 14.77
CA LYS A 101 5.74 17.51 14.39
C LYS A 101 5.64 17.34 12.88
N ARG A 102 5.20 18.38 12.17
CA ARG A 102 5.05 18.28 10.71
C ARG A 102 6.38 18.52 10.00
N GLU A 103 7.31 19.32 10.61
CA GLU A 103 8.57 19.80 10.01
C GLU A 103 9.39 18.80 9.24
N LEU A 104 9.68 17.63 9.84
CA LEU A 104 10.50 16.61 9.20
C LEU A 104 9.92 16.20 7.83
N TRP A 105 8.59 15.99 7.76
CA TRP A 105 7.91 15.54 6.55
C TRP A 105 7.87 16.60 5.46
N ILE A 106 7.84 17.88 5.87
CA ILE A 106 7.92 19.01 4.92
C ILE A 106 9.33 19.03 4.31
N ARG A 107 10.36 18.85 5.14
CA ARG A 107 11.75 18.86 4.67
C ARG A 107 11.97 17.70 3.68
N ILE A 108 11.41 16.50 3.98
CA ILE A 108 11.54 15.34 3.10
C ILE A 108 10.87 15.63 1.76
N ARG A 109 9.66 16.17 1.81
CA ARG A 109 8.91 16.52 0.61
C ARG A 109 9.69 17.51 -0.28
N ASP A 110 10.27 18.55 0.33
CA ASP A 110 11.05 19.57 -0.38
C ASP A 110 12.27 18.94 -1.04
N ALA A 111 12.96 18.03 -0.34
CA ALA A 111 14.18 17.39 -0.86
C ALA A 111 13.84 16.48 -2.05
N VAL A 112 12.69 15.78 -1.99
CA VAL A 112 12.23 14.91 -3.08
C VAL A 112 11.92 15.75 -4.32
N LYS A 113 11.17 16.84 -4.12
CA LYS A 113 10.80 17.74 -5.21
C LYS A 113 12.06 18.34 -5.88
N GLU A 114 13.07 18.71 -5.08
CA GLU A 114 14.32 19.27 -5.59
C GLU A 114 15.07 18.23 -6.47
N VAL A 115 15.11 16.95 -6.09
CA VAL A 115 15.73 15.89 -6.90
C VAL A 115 15.01 15.82 -8.24
N LEU A 116 13.68 15.72 -8.22
CA LEU A 116 12.88 15.62 -9.44
C LEU A 116 13.00 16.83 -10.35
N ASP A 117 13.00 18.05 -9.76
CA ASP A 117 13.10 19.29 -10.51
C ASP A 117 14.49 19.60 -11.03
N SER A 118 15.53 19.03 -10.42
CA SER A 118 16.90 19.28 -10.85
C SER A 118 17.47 18.15 -11.71
N THR A 119 16.70 17.07 -11.93
CA THR A 119 17.15 15.97 -12.78
C THR A 119 16.57 16.17 -14.19
N THR A 120 17.43 16.25 -15.23
CA THR A 120 16.96 16.44 -16.60
C THR A 120 17.15 15.14 -17.38
N LEU A 121 16.52 15.05 -18.55
CA LEU A 121 16.70 13.90 -19.44
C LEU A 121 18.10 13.81 -20.03
N GLU A 122 18.80 14.94 -20.22
CA GLU A 122 20.19 14.91 -20.75
C GLU A 122 21.09 14.15 -19.76
N ASP A 123 20.91 14.46 -18.49
CA ASP A 123 21.61 13.84 -17.38
CA ASP A 123 21.67 13.81 -17.43
C ASP A 123 21.30 12.32 -17.34
N LEU A 124 19.98 12.00 -17.37
CA LEU A 124 19.50 10.60 -17.31
C LEU A 124 19.93 9.81 -18.52
N ALA A 125 19.93 10.42 -19.71
CA ALA A 125 20.35 9.74 -20.94
C ALA A 125 21.84 9.32 -20.92
N SER A 126 22.65 9.93 -20.05
CA SER A 126 24.07 9.58 -19.94
C SER A 126 24.33 8.24 -19.20
N TYR A 127 23.27 7.65 -18.60
CA TYR A 127 23.40 6.37 -17.89
C TYR A 127 22.97 5.26 -18.90
N THR A 128 23.89 4.39 -19.31
CA THR A 128 23.52 3.43 -20.37
C THR A 128 23.43 1.98 -19.95
N ASP A 129 22.48 1.23 -20.59
CA ASP A 129 22.14 -0.20 -20.51
C ASP A 129 20.71 -0.49 -20.07
N MET B 1 1.95 13.29 -2.85
CA MET B 1 3.04 12.44 -3.37
C MET B 1 3.74 11.69 -2.24
N LEU B 2 4.01 12.36 -1.10
CA LEU B 2 4.71 11.71 0.02
C LEU B 2 3.74 11.08 1.03
N LYS B 3 4.02 9.82 1.39
CA LYS B 3 3.28 9.03 2.37
C LYS B 3 4.11 8.89 3.63
N ILE B 4 3.49 9.09 4.81
CA ILE B 4 4.16 9.00 6.12
C ILE B 4 3.60 7.79 6.90
N SER B 5 4.44 6.81 7.26
CA SER B 5 3.98 5.62 8.00
C SER B 5 3.55 5.99 9.42
N THR B 6 2.61 5.21 9.99
CA THR B 6 2.09 5.47 11.35
C THR B 6 3.22 5.33 12.37
N LYS B 7 4.05 4.27 12.23
CA LYS B 7 5.15 3.97 13.14
C LYS B 7 6.15 5.11 13.20
N GLY B 8 6.55 5.59 12.01
CA GLY B 8 7.48 6.67 11.85
C GLY B 8 6.92 7.97 12.38
N ARG B 9 5.67 8.29 12.03
CA ARG B 9 5.02 9.51 12.49
C ARG B 9 4.97 9.56 14.02
N TYR B 10 4.42 8.51 14.65
CA TYR B 10 4.25 8.49 16.09
C TYR B 10 5.50 8.23 16.89
N GLY B 11 6.45 7.52 16.28
CA GLY B 11 7.76 7.30 16.91
C GLY B 11 8.48 8.64 17.01
N LEU B 12 8.39 9.42 15.92
CA LEU B 12 9.00 10.76 15.92
C LEU B 12 8.29 11.67 16.91
N THR B 13 6.94 11.57 17.04
CA THR B 13 6.14 12.33 18.00
C THR B 13 6.63 12.11 19.43
N ILE B 14 6.84 10.84 19.83
CA ILE B 14 7.34 10.51 21.17
C ILE B 14 8.67 11.27 21.41
N MET B 15 9.62 11.14 20.47
CA MET B 15 10.96 11.72 20.59
C MET B 15 10.93 13.24 20.65
N ILE B 16 10.06 13.88 19.85
CA ILE B 16 9.87 15.33 19.82
C ILE B 16 9.29 15.79 21.19
N GLU B 17 8.28 15.08 21.73
CA GLU B 17 7.69 15.40 23.05
C GLU B 17 8.74 15.34 24.14
N LEU B 18 9.58 14.29 24.10
CA LEU B 18 10.70 14.15 25.04
C LEU B 18 11.74 15.26 24.87
N ALA B 19 12.02 15.68 23.63
CA ALA B 19 12.99 16.75 23.37
C ALA B 19 12.45 18.09 23.91
N LYS B 20 11.12 18.36 23.76
CA LYS B 20 10.51 19.59 24.28
CA LYS B 20 10.50 19.58 24.28
C LYS B 20 10.56 19.63 25.82
N LYS B 21 10.53 18.47 26.48
CA LYS B 21 10.56 18.34 27.93
C LYS B 21 11.95 17.99 28.47
N HIS B 22 13.02 18.10 27.64
CA HIS B 22 14.38 17.74 28.04
C HIS B 22 14.81 18.63 29.23
N GLY B 23 15.28 18.00 30.31
CA GLY B 23 15.69 18.72 31.51
C GLY B 23 14.54 19.07 32.44
N GLU B 24 13.32 18.59 32.12
CA GLU B 24 12.12 18.84 32.92
C GLU B 24 11.58 17.60 33.59
N GLY B 25 12.49 16.68 33.89
CA GLY B 25 12.16 15.42 34.55
C GLY B 25 11.57 14.38 33.62
N PRO B 26 11.17 13.20 34.16
CA PRO B 26 10.61 12.14 33.30
C PRO B 26 9.21 12.48 32.77
N THR B 27 8.85 11.89 31.61
CA THR B 27 7.53 12.09 30.99
C THR B 27 6.96 10.69 30.78
N SER B 28 5.74 10.47 31.32
CA SER B 28 5.09 9.17 31.17
C SER B 28 4.56 9.03 29.75
N LEU B 29 4.43 7.78 29.27
CA LEU B 29 3.85 7.56 27.94
C LEU B 29 2.38 7.91 27.99
N LYS B 30 1.77 7.78 29.17
CA LYS B 30 0.35 8.14 29.36
C LYS B 30 0.14 9.63 29.01
N SER B 31 1.02 10.53 29.48
CA SER B 31 0.83 11.97 29.15
C SER B 31 1.11 12.28 27.68
N ILE B 32 2.12 11.59 27.07
CA ILE B 32 2.40 11.78 25.63
C ILE B 32 1.19 11.31 24.83
N ALA B 33 0.59 10.16 25.21
CA ALA B 33 -0.60 9.61 24.56
C ALA B 33 -1.79 10.54 24.68
N GLN B 34 -2.00 11.12 25.89
CA GLN B 34 -3.07 12.07 26.17
C GLN B 34 -2.92 13.35 25.32
N THR B 35 -1.70 13.90 25.24
CA THR B 35 -1.38 15.11 24.44
C THR B 35 -1.68 14.85 22.97
N ASN B 36 -1.35 13.62 22.47
CA ASN B 36 -1.50 13.30 21.06
C ASN B 36 -2.75 12.55 20.63
N ASN B 37 -3.73 12.40 21.56
CA ASN B 37 -5.02 11.75 21.33
C ASN B 37 -4.88 10.32 20.77
N LEU B 38 -4.03 9.52 21.42
CA LEU B 38 -3.85 8.14 21.02
C LEU B 38 -3.63 7.24 22.19
N SER B 39 -3.68 5.92 21.96
CA SER B 39 -3.53 4.97 23.05
C SER B 39 -2.08 4.87 23.50
N GLU B 40 -1.88 4.89 24.82
CA GLU B 40 -0.59 4.68 25.45
C GLU B 40 -0.06 3.27 25.07
N HIS B 41 -0.98 2.33 24.89
CA HIS B 41 -0.69 0.94 24.55
C HIS B 41 -0.32 0.76 23.08
N TYR B 42 -0.66 1.77 22.23
CA TYR B 42 -0.17 1.80 20.85
C TYR B 42 1.27 2.37 20.93
N LEU B 43 1.46 3.51 21.65
CA LEU B 43 2.79 4.11 21.81
C LEU B 43 3.84 3.20 22.40
N GLU B 44 3.45 2.35 23.39
CA GLU B 44 4.37 1.41 24.05
CA GLU B 44 4.34 1.39 24.06
C GLU B 44 5.08 0.49 23.03
N GLN B 45 4.39 0.10 21.95
CA GLN B 45 4.96 -0.74 20.88
C GLN B 45 6.11 -0.04 20.15
N LEU B 46 6.11 1.30 20.14
CA LEU B 46 7.14 2.12 19.49
C LEU B 46 8.29 2.43 20.44
N VAL B 47 8.00 2.66 21.74
CA VAL B 47 9.08 2.98 22.69
C VAL B 47 10.11 1.89 22.94
N SER B 48 9.70 0.60 23.01
CA SER B 48 10.58 -0.54 23.30
C SER B 48 11.81 -0.60 22.41
N PRO B 49 11.69 -0.53 21.05
CA PRO B 49 12.91 -0.49 20.22
C PRO B 49 13.74 0.79 20.45
N LEU B 50 13.08 1.93 20.71
CA LEU B 50 13.80 3.19 20.95
C LEU B 50 14.61 3.05 22.27
N ARG B 51 14.03 2.41 23.28
CA ARG B 51 14.71 2.16 24.56
C ARG B 51 15.87 1.18 24.35
N ASN B 52 15.66 0.08 23.56
CA ASN B 52 16.74 -0.88 23.25
C ASN B 52 17.92 -0.24 22.55
N ALA B 53 17.65 0.77 21.70
CA ALA B 53 18.69 1.51 20.98
C ALA B 53 19.38 2.59 21.85
N GLY B 54 18.90 2.77 23.09
CA GLY B 54 19.47 3.79 23.98
C GLY B 54 19.06 5.21 23.61
N LEU B 55 18.03 5.36 22.76
CA LEU B 55 17.52 6.67 22.34
C LEU B 55 16.66 7.30 23.43
N VAL B 56 16.08 6.46 24.27
CA VAL B 56 15.30 6.91 25.44
C VAL B 56 15.79 6.07 26.61
N LYS B 57 15.59 6.56 27.84
CA LYS B 57 15.90 5.86 29.10
C LYS B 57 14.64 5.88 29.92
N SER B 58 14.35 4.77 30.57
CA SER B 58 13.18 4.68 31.42
C SER B 58 13.61 4.95 32.88
N ILE B 59 12.94 5.90 33.55
CA ILE B 59 13.21 6.18 34.97
C ILE B 59 12.11 5.52 35.77
N ARG B 60 12.48 4.62 36.68
CA ARG B 60 11.49 3.87 37.47
C ARG B 60 10.83 4.72 38.56
N GLY B 61 9.66 4.27 39.01
CA GLY B 61 8.92 4.86 40.12
C GLY B 61 7.60 5.49 39.77
N ALA B 62 6.90 5.94 40.82
CA ALA B 62 5.59 6.60 40.71
C ALA B 62 5.68 7.95 39.96
N TYR B 63 6.85 8.59 40.01
CA TYR B 63 7.09 9.88 39.32
C TYR B 63 8.07 9.64 38.17
N GLY B 64 8.07 8.40 37.68
CA GLY B 64 8.97 7.97 36.62
C GLY B 64 8.44 8.23 35.23
N GLY B 65 9.14 7.65 34.27
CA GLY B 65 8.77 7.78 32.86
C GLY B 65 10.02 7.85 32.02
N TYR B 66 9.88 8.44 30.84
CA TYR B 66 10.99 8.51 29.91
C TYR B 66 11.70 9.83 29.86
N VAL B 67 12.98 9.74 29.52
CA VAL B 67 13.85 10.87 29.23
C VAL B 67 14.64 10.47 27.98
N LEU B 68 15.26 11.42 27.30
CA LEU B 68 16.08 11.13 26.14
C LEU B 68 17.36 10.43 26.60
N GLY B 69 17.90 9.55 25.76
CA GLY B 69 19.13 8.82 26.07
C GLY B 69 20.39 9.61 25.79
N SER B 70 20.24 10.78 25.16
CA SER B 70 21.32 11.70 24.79
C SER B 70 20.72 13.08 24.73
N GLU B 71 21.56 14.10 24.52
CA GLU B 71 21.12 15.48 24.33
C GLU B 71 20.30 15.57 23.03
N PRO B 72 19.26 16.45 22.97
CA PRO B 72 18.46 16.55 21.74
C PRO B 72 19.25 16.81 20.46
N ASP B 73 20.38 17.54 20.54
CA ASP B 73 21.22 17.84 19.37
C ASP B 73 22.05 16.64 18.90
N ALA B 74 22.09 15.57 19.70
CA ALA B 74 22.87 14.38 19.40
C ALA B 74 22.00 13.24 18.85
N ILE B 75 20.69 13.48 18.66
CA ILE B 75 19.77 12.47 18.10
C ILE B 75 19.18 13.03 16.83
N THR B 76 19.28 12.26 15.73
CA THR B 76 18.68 12.70 14.47
C THR B 76 17.39 11.99 14.17
N ALA B 77 16.59 12.57 13.25
CA ALA B 77 15.37 11.93 12.77
C ALA B 77 15.74 10.57 12.12
N GLY B 78 16.93 10.48 11.49
CA GLY B 78 17.43 9.25 10.86
C GLY B 78 17.75 8.16 11.85
N ASP B 79 18.30 8.54 13.03
CA ASP B 79 18.57 7.57 14.09
C ASP B 79 17.27 6.91 14.53
N ILE B 80 16.18 7.69 14.61
CA ILE B 80 14.87 7.20 15.06
C ILE B 80 14.21 6.32 14.02
N ILE B 81 14.15 6.81 12.76
CA ILE B 81 13.51 6.07 11.66
C ILE B 81 14.16 4.73 11.38
N ARG B 82 15.50 4.68 11.40
CA ARG B 82 16.24 3.42 11.14
C ARG B 82 15.91 2.34 12.15
N VAL B 83 15.65 2.73 13.43
CA VAL B 83 15.31 1.77 14.49
C VAL B 83 13.89 1.25 14.33
N LEU B 84 12.98 2.14 14.03
CA LEU B 84 11.58 1.77 13.92
C LEU B 84 11.17 1.15 12.61
N GLU B 85 11.75 1.61 11.50
CA GLU B 85 11.27 1.19 10.17
C GLU B 85 12.24 0.43 9.34
N GLY B 86 13.51 0.47 9.72
CA GLY B 86 14.56 -0.18 8.95
C GLY B 86 15.18 0.79 7.95
N PRO B 87 15.83 0.24 6.88
CA PRO B 87 16.50 1.12 5.88
C PRO B 87 15.60 2.10 5.15
N ILE B 88 16.14 3.30 4.88
CA ILE B 88 15.45 4.38 4.17
C ILE B 88 15.44 4.05 2.68
N SER B 89 14.25 3.80 2.13
CA SER B 89 14.11 3.46 0.73
C SER B 89 12.82 4.08 0.15
N PRO B 90 12.85 5.38 -0.24
CA PRO B 90 11.61 6.05 -0.72
C PRO B 90 10.94 5.47 -1.96
N VAL B 91 11.73 4.97 -2.91
CA VAL B 91 11.19 4.39 -4.14
C VAL B 91 11.87 3.04 -4.26
N GLU B 92 11.10 1.97 -4.27
CA GLU B 92 11.67 0.62 -4.43
C GLU B 92 12.28 0.45 -5.84
N VAL B 93 13.47 -0.14 -5.86
CA VAL B 93 14.23 -0.44 -7.06
C VAL B 93 13.77 -1.83 -7.47
N LEU B 94 13.47 -1.99 -8.76
CA LEU B 94 12.96 -3.26 -9.29
C LEU B 94 14.02 -3.92 -10.14
N GLU B 95 13.99 -5.26 -10.17
CA GLU B 95 14.92 -6.07 -10.96
C GLU B 95 14.87 -5.64 -12.43
N ASP B 96 16.02 -5.59 -13.08
CA ASP B 96 16.19 -5.21 -14.49
C ASP B 96 15.77 -3.77 -14.85
N GLU B 97 15.44 -2.89 -13.85
CA GLU B 97 15.13 -1.49 -14.16
C GLU B 97 16.39 -0.89 -14.78
N GLU B 98 16.21 -0.05 -15.78
CA GLU B 98 17.28 0.62 -16.52
C GLU B 98 18.15 1.46 -15.56
N PRO B 99 19.49 1.50 -15.77
CA PRO B 99 20.36 2.31 -14.90
C PRO B 99 19.94 3.76 -14.68
N ALA B 100 19.35 4.44 -15.68
CA ALA B 100 18.87 5.83 -15.56
C ALA B 100 17.81 5.97 -14.46
N LYS B 101 16.85 5.02 -14.41
CA LYS B 101 15.81 5.01 -13.37
C LYS B 101 16.35 4.59 -12.01
N ARG B 102 17.25 3.58 -11.96
CA ARG B 102 17.91 3.17 -10.70
C ARG B 102 18.68 4.37 -10.11
N GLU B 103 19.36 5.15 -10.97
CA GLU B 103 20.08 6.35 -10.53
C GLU B 103 19.08 7.37 -9.95
N LEU B 104 17.93 7.63 -10.59
CA LEU B 104 16.94 8.55 -10.03
C LEU B 104 16.48 8.12 -8.61
N TRP B 105 16.26 6.80 -8.38
CA TRP B 105 15.83 6.31 -7.07
C TRP B 105 16.91 6.51 -6.04
N ILE B 106 18.19 6.31 -6.42
CA ILE B 106 19.36 6.51 -5.54
C ILE B 106 19.44 7.98 -5.14
N ARG B 107 19.23 8.90 -6.10
CA ARG B 107 19.29 10.33 -5.82
C ARG B 107 18.18 10.71 -4.82
N ILE B 108 16.96 10.17 -5.00
CA ILE B 108 15.85 10.44 -4.07
C ILE B 108 16.20 9.89 -2.68
N ARG B 109 16.72 8.66 -2.61
CA ARG B 109 17.12 8.04 -1.39
C ARG B 109 18.19 8.87 -0.67
N ASP B 110 19.23 9.32 -1.40
CA ASP B 110 20.30 10.15 -0.82
C ASP B 110 19.77 11.47 -0.28
N ALA B 111 18.84 12.14 -1.00
CA ALA B 111 18.31 13.42 -0.58
C ALA B 111 17.44 13.24 0.71
N VAL B 112 16.69 12.12 0.79
CA VAL B 112 15.87 11.82 1.98
C VAL B 112 16.79 11.52 3.15
N LYS B 113 17.81 10.69 2.95
CA LYS B 113 18.80 10.33 3.97
C LYS B 113 19.52 11.59 4.49
N GLU B 114 19.86 12.55 3.61
CA GLU B 114 20.53 13.78 4.04
C GLU B 114 19.62 14.60 4.95
N VAL B 115 18.32 14.74 4.62
CA VAL B 115 17.35 15.44 5.47
C VAL B 115 17.31 14.74 6.86
N LEU B 116 17.15 13.41 6.88
CA LEU B 116 17.06 12.62 8.10
C LEU B 116 18.33 12.68 8.95
N ASP B 117 19.50 12.66 8.32
CA ASP B 117 20.77 12.69 9.02
C ASP B 117 21.19 14.08 9.50
N SER B 118 20.66 15.13 8.87
CA SER B 118 21.01 16.50 9.24
C SER B 118 19.96 17.18 10.13
N THR B 119 18.79 16.53 10.37
CA THR B 119 17.75 17.11 11.21
C THR B 119 17.85 16.49 12.62
N THR B 120 18.12 17.30 13.64
CA THR B 120 18.19 16.73 14.99
C THR B 120 16.89 16.97 15.72
N LEU B 121 16.72 16.33 16.90
CA LEU B 121 15.55 16.58 17.77
C LEU B 121 15.56 17.98 18.29
N GLU B 122 16.75 18.54 18.51
CA GLU B 122 16.90 19.92 18.95
C GLU B 122 16.32 20.83 17.89
N ASP B 123 16.64 20.58 16.59
CA ASP B 123 16.10 21.32 15.46
C ASP B 123 14.58 21.25 15.44
N LEU B 124 14.01 20.03 15.54
CA LEU B 124 12.55 19.85 15.50
C LEU B 124 11.84 20.47 16.68
N ALA B 125 12.39 20.30 17.90
CA ALA B 125 11.84 20.86 19.12
C ALA B 125 11.85 22.41 19.11
N SER B 126 12.72 23.04 18.31
CA SER B 126 12.82 24.52 18.18
C SER B 126 11.65 25.16 17.47
N TYR B 127 10.77 24.36 16.82
CA TYR B 127 9.58 24.87 16.14
C TYR B 127 8.42 24.96 17.12
N THR B 128 8.07 26.20 17.49
N MET C 1 -7.72 3.09 5.85
CA MET C 1 -8.37 1.85 5.43
C MET C 1 -9.11 1.94 4.11
N LEU C 2 -9.49 3.15 3.69
CA LEU C 2 -10.20 3.34 2.42
C LEU C 2 -9.21 3.87 1.41
N LYS C 3 -9.06 3.14 0.29
CA LYS C 3 -8.13 3.54 -0.76
C LYS C 3 -8.78 4.43 -1.83
N ILE C 4 -8.82 5.73 -1.57
CA ILE C 4 -9.25 6.71 -2.58
C ILE C 4 -7.93 7.14 -3.14
N SER C 5 -7.71 6.95 -4.44
CA SER C 5 -6.43 7.32 -5.03
C SER C 5 -6.38 8.82 -5.42
N THR C 6 -5.26 9.25 -6.04
CA THR C 6 -5.06 10.60 -6.58
C THR C 6 -6.16 10.90 -7.62
N LYS C 7 -6.54 9.89 -8.45
CA LYS C 7 -7.63 9.96 -9.45
C LYS C 7 -8.95 10.43 -8.80
N GLY C 8 -9.34 9.76 -7.72
CA GLY C 8 -10.56 10.05 -6.98
C GLY C 8 -10.50 11.41 -6.33
N ARG C 9 -9.36 11.74 -5.71
CA ARG C 9 -9.18 13.04 -5.06
C ARG C 9 -9.35 14.19 -6.06
N TYR C 10 -8.69 14.09 -7.22
CA TYR C 10 -8.76 15.15 -8.23
C TYR C 10 -9.97 15.16 -9.10
N GLY C 11 -10.58 14.00 -9.23
CA GLY C 11 -11.87 13.89 -9.87
C GLY C 11 -12.89 14.64 -9.03
N LEU C 12 -12.83 14.51 -7.68
CA LEU C 12 -13.69 15.27 -6.76
C LEU C 12 -13.39 16.78 -6.85
N THR C 13 -12.11 17.15 -6.98
CA THR C 13 -11.71 18.56 -7.12
C THR C 13 -12.43 19.21 -8.32
N ILE C 14 -12.39 18.53 -9.49
CA ILE C 14 -13.03 19.00 -10.71
C ILE C 14 -14.51 19.27 -10.43
N MET C 15 -15.19 18.25 -9.88
CA MET C 15 -16.63 18.29 -9.63
C MET C 15 -17.05 19.37 -8.66
N ILE C 16 -16.25 19.57 -7.60
CA ILE C 16 -16.49 20.60 -6.59
C ILE C 16 -16.33 22.01 -7.25
N GLU C 17 -15.28 22.21 -8.06
CA GLU C 17 -15.04 23.50 -8.75
C GLU C 17 -16.20 23.81 -9.68
N LEU C 18 -16.68 22.80 -10.41
CA LEU C 18 -17.81 22.97 -11.31
C LEU C 18 -19.11 23.25 -10.52
N ALA C 19 -19.29 22.60 -9.35
CA ALA C 19 -20.46 22.87 -8.50
C ALA C 19 -20.44 24.32 -7.97
N LYS C 20 -19.27 24.83 -7.60
CA LYS C 20 -19.11 26.22 -7.12
C LYS C 20 -19.46 27.24 -8.22
N LYS C 21 -19.18 26.90 -9.49
CA LYS C 21 -19.41 27.75 -10.66
C LYS C 21 -20.69 27.40 -11.42
N HIS C 22 -21.58 26.59 -10.81
CA HIS C 22 -22.83 26.17 -11.43
C HIS C 22 -23.70 27.40 -11.78
N GLY C 23 -24.11 27.47 -13.04
CA GLY C 23 -24.89 28.57 -13.60
C GLY C 23 -24.09 29.82 -13.94
N GLU C 24 -22.75 29.73 -13.88
CA GLU C 24 -21.85 30.85 -14.16
C GLU C 24 -21.05 30.64 -15.45
N GLY C 25 -21.60 29.87 -16.36
CA GLY C 25 -20.95 29.58 -17.63
C GLY C 25 -19.88 28.50 -17.54
N PRO C 26 -19.28 28.13 -18.69
CA PRO C 26 -18.27 27.05 -18.70
C PRO C 26 -16.98 27.39 -17.97
N THR C 27 -16.28 26.35 -17.47
CA THR C 27 -14.99 26.48 -16.76
C THR C 27 -13.98 25.59 -17.48
N SER C 28 -12.83 26.16 -17.87
CA SER C 28 -11.80 25.38 -18.55
C SER C 28 -11.03 24.52 -17.53
N LEU C 29 -10.47 23.37 -17.96
CA LEU C 29 -9.62 22.53 -17.11
C LEU C 29 -8.36 23.28 -16.75
N LYS C 30 -7.84 24.13 -17.67
CA LYS C 30 -6.68 24.98 -17.43
C LYS C 30 -6.90 25.81 -16.16
N SER C 31 -8.08 26.42 -16.06
CA SER C 31 -8.47 27.24 -14.90
C SER C 31 -8.52 26.41 -13.61
N ILE C 32 -9.13 25.21 -13.68
CA ILE C 32 -9.25 24.34 -12.52
C ILE C 32 -7.85 23.89 -12.08
N ALA C 33 -6.98 23.55 -13.04
CA ALA C 33 -5.58 23.15 -12.78
C ALA C 33 -4.79 24.27 -12.14
N GLN C 34 -4.96 25.51 -12.64
CA GLN C 34 -4.28 26.69 -12.11
C GLN C 34 -4.72 26.97 -10.67
N THR C 35 -6.04 26.94 -10.40
CA THR C 35 -6.61 27.15 -9.06
C THR C 35 -6.06 26.13 -8.06
N ASN C 36 -5.92 24.86 -8.50
CA ASN C 36 -5.49 23.76 -7.64
C ASN C 36 -4.02 23.35 -7.67
N ASN C 37 -3.19 24.13 -8.37
CA ASN C 37 -1.74 23.94 -8.48
C ASN C 37 -1.35 22.55 -8.97
N LEU C 38 -1.96 22.13 -10.09
CA LEU C 38 -1.62 20.85 -10.69
C LEU C 38 -1.67 20.92 -12.20
N SER C 39 -1.16 19.87 -12.86
CA SER C 39 -1.10 19.84 -14.32
C SER C 39 -2.48 19.62 -14.92
N GLU C 40 -2.81 20.48 -15.89
CA GLU C 40 -4.04 20.36 -16.67
C GLU C 40 -4.03 19.00 -17.39
N HIS C 41 -2.84 18.53 -17.77
CA HIS C 41 -2.66 17.28 -18.50
C HIS C 41 -2.80 16.05 -17.61
N TYR C 42 -2.73 16.25 -16.28
CA TYR C 42 -3.08 15.20 -15.33
C TYR C 42 -4.63 15.20 -15.23
N LEU C 43 -5.25 16.39 -15.02
CA LEU C 43 -6.70 16.52 -14.93
C LEU C 43 -7.46 15.97 -16.16
N GLU C 44 -6.90 16.18 -17.38
CA GLU C 44 -7.49 15.72 -18.65
CA GLU C 44 -7.51 15.71 -18.63
C GLU C 44 -7.82 14.22 -18.62
N GLN C 45 -6.94 13.42 -17.97
CA GLN C 45 -7.12 11.96 -17.86
C GLN C 45 -8.38 11.57 -17.04
N LEU C 46 -8.85 12.48 -16.18
CA LEU C 46 -10.00 12.26 -15.30
C LEU C 46 -11.34 12.70 -15.90
N VAL C 47 -11.33 13.67 -16.81
CA VAL C 47 -12.57 14.22 -17.39
C VAL C 47 -13.31 13.31 -18.33
N SER C 48 -12.56 12.57 -19.14
CA SER C 48 -13.11 11.65 -20.13
C SER C 48 -14.14 10.68 -19.52
N PRO C 49 -13.82 9.90 -18.43
CA PRO C 49 -14.85 9.05 -17.83
C PRO C 49 -16.01 9.83 -17.21
N LEU C 50 -15.73 11.02 -16.60
CA LEU C 50 -16.80 11.84 -15.99
C LEU C 50 -17.76 12.33 -17.08
N ARG C 51 -17.22 12.68 -18.25
CA ARG C 51 -17.99 13.12 -19.41
C ARG C 51 -18.83 11.97 -19.96
N ASN C 52 -18.21 10.76 -20.12
CA ASN C 52 -18.92 9.56 -20.59
C ASN C 52 -20.08 9.17 -19.69
N ALA C 53 -19.93 9.41 -18.37
CA ALA C 53 -20.97 9.11 -17.37
C ALA C 53 -22.07 10.16 -17.32
N GLY C 54 -21.89 11.26 -18.06
CA GLY C 54 -22.84 12.36 -18.08
C GLY C 54 -22.79 13.22 -16.82
N LEU C 55 -21.68 13.12 -16.06
CA LEU C 55 -21.51 13.90 -14.83
C LEU C 55 -21.06 15.31 -15.15
N VAL C 56 -20.38 15.46 -16.29
CA VAL C 56 -19.91 16.74 -16.82
C VAL C 56 -20.30 16.81 -18.30
N LYS C 57 -20.43 18.05 -18.82
CA LYS C 57 -20.73 18.33 -20.23
C LYS C 57 -19.66 19.26 -20.76
N SER C 58 -19.15 19.00 -21.96
CA SER C 58 -18.14 19.84 -22.59
C SER C 58 -18.84 20.84 -23.52
N ILE C 59 -18.57 22.14 -23.32
CA ILE C 59 -19.13 23.19 -24.16
C ILE C 59 -18.07 23.65 -25.14
N ARG C 60 -18.39 23.45 -26.43
CA ARG C 60 -17.58 23.76 -27.61
C ARG C 60 -17.36 25.26 -27.78
N GLY C 61 -16.12 25.64 -28.09
CA GLY C 61 -15.73 27.03 -28.28
C GLY C 61 -14.69 27.49 -27.28
N GLY C 64 -15.59 28.35 -24.11
CA GLY C 64 -15.98 26.98 -23.81
C GLY C 64 -15.34 26.41 -22.57
N GLY C 65 -15.61 25.13 -22.33
CA GLY C 65 -15.11 24.40 -21.17
C GLY C 65 -16.14 23.44 -20.62
N TYR C 66 -16.10 23.19 -19.30
CA TYR C 66 -17.01 22.24 -18.67
C TYR C 66 -18.08 22.85 -17.80
N VAL C 67 -19.20 22.16 -17.70
CA VAL C 67 -20.33 22.44 -16.81
C VAL C 67 -20.76 21.09 -16.22
N LEU C 68 -21.53 21.10 -15.12
CA LEU C 68 -22.07 19.87 -14.54
C LEU C 68 -23.14 19.31 -15.45
N GLY C 69 -23.28 17.98 -15.47
CA GLY C 69 -24.28 17.31 -16.30
C GLY C 69 -25.63 17.21 -15.64
N SER C 70 -25.73 17.66 -14.37
CA SER C 70 -26.94 17.64 -13.53
C SER C 70 -26.78 18.71 -12.51
N GLU C 71 -27.85 18.98 -11.73
CA GLU C 71 -27.83 19.96 -10.66
C GLU C 71 -26.89 19.45 -9.54
N PRO C 72 -26.17 20.36 -8.83
CA PRO C 72 -25.27 19.91 -7.75
C PRO C 72 -25.90 19.01 -6.69
N ASP C 73 -27.21 19.19 -6.38
CA ASP C 73 -27.89 18.34 -5.39
C ASP C 73 -28.22 16.93 -5.92
N ALA C 74 -28.06 16.72 -7.23
CA ALA C 74 -28.37 15.43 -7.86
C ALA C 74 -27.10 14.58 -8.13
N ILE C 75 -25.91 15.08 -7.72
CA ILE C 75 -24.65 14.34 -7.89
C ILE C 75 -24.03 14.08 -6.53
N THR C 76 -23.64 12.82 -6.24
CA THR C 76 -23.00 12.49 -4.97
C THR C 76 -21.51 12.21 -5.15
N ALA C 77 -20.77 12.21 -4.03
CA ALA C 77 -19.36 11.83 -3.99
C ALA C 77 -19.28 10.36 -4.46
N GLY C 78 -20.29 9.57 -4.10
CA GLY C 78 -20.45 8.16 -4.49
C GLY C 78 -20.52 7.95 -6.00
N ASP C 79 -21.29 8.80 -6.70
CA ASP C 79 -21.43 8.78 -8.16
C ASP C 79 -20.10 9.00 -8.84
N ILE C 80 -19.30 9.94 -8.32
CA ILE C 80 -18.00 10.31 -8.88
C ILE C 80 -16.95 9.21 -8.67
N ILE C 81 -16.87 8.69 -7.44
CA ILE C 81 -15.91 7.63 -7.04
C ILE C 81 -16.13 6.34 -7.81
N ARG C 82 -17.39 5.95 -8.00
CA ARG C 82 -17.72 4.73 -8.76
C ARG C 82 -17.21 4.77 -10.20
N VAL C 83 -17.26 5.95 -10.84
CA VAL C 83 -16.81 6.11 -12.22
C VAL C 83 -15.28 6.10 -12.32
N LEU C 84 -14.63 6.81 -11.42
CA LEU C 84 -13.18 6.91 -11.48
C LEU C 84 -12.41 5.77 -10.83
N GLU C 85 -12.94 5.20 -9.74
CA GLU C 85 -12.21 4.21 -8.97
C GLU C 85 -12.78 2.81 -8.95
N GLY C 86 -14.02 2.69 -9.37
CA GLY C 86 -14.65 1.39 -9.35
C GLY C 86 -15.50 1.20 -8.12
N PRO C 87 -15.93 -0.05 -7.86
CA PRO C 87 -16.88 -0.29 -6.79
C PRO C 87 -16.44 0.05 -5.39
N ILE C 88 -17.41 0.50 -4.61
CA ILE C 88 -17.23 0.94 -3.24
C ILE C 88 -17.44 -0.21 -2.26
N SER C 89 -18.36 -1.15 -2.61
CA SER C 89 -18.73 -2.29 -1.77
C SER C 89 -17.70 -3.38 -1.50
N PRO C 90 -16.97 -3.96 -2.50
CA PRO C 90 -16.06 -5.10 -2.19
C PRO C 90 -15.17 -4.91 -0.98
N VAL C 91 -15.17 -5.93 -0.14
CA VAL C 91 -14.37 -5.99 1.08
C VAL C 91 -13.54 -7.29 1.07
N GLU C 92 -12.28 -7.24 1.58
CA GLU C 92 -11.40 -8.40 1.61
C GLU C 92 -11.94 -9.42 2.60
N VAL C 93 -12.17 -10.63 2.12
CA VAL C 93 -12.78 -11.69 2.91
C VAL C 93 -11.89 -12.93 3.03
N LEU C 94 -12.14 -13.74 4.05
CA LEU C 94 -11.44 -15.01 4.23
C LEU C 94 -12.36 -16.10 3.71
N GLU C 95 -11.77 -17.17 3.15
CA GLU C 95 -12.52 -18.31 2.63
C GLU C 95 -13.16 -19.03 3.79
N ASP C 96 -14.48 -19.33 3.67
CA ASP C 96 -15.30 -19.99 4.69
C ASP C 96 -15.33 -19.08 5.95
N GLU C 97 -15.72 -17.81 5.73
CA GLU C 97 -15.79 -16.75 6.74
C GLU C 97 -16.89 -16.96 7.77
N GLU C 98 -16.58 -16.76 9.06
CA GLU C 98 -17.61 -16.89 10.09
C GLU C 98 -18.27 -15.53 10.31
N PRO C 99 -19.62 -15.50 10.44
CA PRO C 99 -20.32 -14.21 10.56
C PRO C 99 -19.79 -13.23 11.60
N ALA C 100 -19.44 -13.71 12.79
CA ALA C 100 -18.94 -12.87 13.88
C ALA C 100 -17.64 -12.16 13.51
N LYS C 101 -16.75 -12.89 12.84
CA LYS C 101 -15.45 -12.38 12.45
C LYS C 101 -15.54 -11.36 11.32
N ARG C 102 -16.41 -11.56 10.33
CA ARG C 102 -16.53 -10.62 9.21
C ARG C 102 -17.35 -9.37 9.54
N GLU C 103 -18.33 -9.51 10.48
CA GLU C 103 -19.32 -8.47 10.81
C GLU C 103 -18.83 -7.03 10.90
N LEU C 104 -17.76 -6.79 11.68
CA LEU C 104 -17.23 -5.45 11.87
C LEU C 104 -16.89 -4.79 10.54
N TRP C 105 -16.23 -5.54 9.65
CA TRP C 105 -15.80 -5.03 8.34
C TRP C 105 -16.96 -4.70 7.40
N ILE C 106 -18.08 -5.46 7.50
CA ILE C 106 -19.31 -5.19 6.73
C ILE C 106 -19.95 -3.87 7.22
N ARG C 107 -20.00 -3.69 8.55
CA ARG C 107 -20.57 -2.49 9.15
C ARG C 107 -19.75 -1.26 8.73
N ILE C 108 -18.41 -1.37 8.71
CA ILE C 108 -17.52 -0.27 8.28
C ILE C 108 -17.79 0.07 6.82
N ARG C 109 -17.83 -0.96 5.97
CA ARG C 109 -18.10 -0.80 4.54
C ARG C 109 -19.45 -0.06 4.31
N ASP C 110 -20.51 -0.51 5.01
CA ASP C 110 -21.83 0.11 4.87
C ASP C 110 -21.82 1.59 5.30
N ALA C 111 -21.11 1.92 6.39
CA ALA C 111 -21.04 3.29 6.90
C ALA C 111 -20.31 4.20 5.91
N VAL C 112 -19.22 3.69 5.29
CA VAL C 112 -18.44 4.45 4.31
C VAL C 112 -19.31 4.73 3.07
N LYS C 113 -19.96 3.68 2.57
CA LYS C 113 -20.83 3.77 1.40
C LYS C 113 -21.97 4.78 1.65
N GLU C 114 -22.55 4.78 2.87
CA GLU C 114 -23.65 5.71 3.22
C GLU C 114 -23.16 7.17 3.16
N VAL C 115 -21.94 7.45 3.67
CA VAL C 115 -21.41 8.81 3.62
C VAL C 115 -21.26 9.23 2.14
N LEU C 116 -20.63 8.37 1.32
CA LEU C 116 -20.40 8.64 -0.10
C LEU C 116 -21.69 8.84 -0.89
N ASP C 117 -22.70 8.01 -0.60
CA ASP C 117 -23.97 8.07 -1.31
C ASP C 117 -24.89 9.18 -0.84
N SER C 118 -24.66 9.73 0.33
CA SER C 118 -25.54 10.77 0.83
C SER C 118 -24.89 12.17 0.82
N THR C 119 -23.59 12.27 0.47
CA THR C 119 -22.91 13.56 0.41
C THR C 119 -23.04 14.09 -1.02
N THR C 120 -23.77 15.21 -1.22
CA THR C 120 -23.97 15.77 -2.56
C THR C 120 -22.95 16.86 -2.86
N LEU C 121 -22.83 17.25 -4.14
CA LEU C 121 -21.94 18.34 -4.54
C LEU C 121 -22.46 19.69 -4.03
N GLU C 122 -23.79 19.82 -3.88
CA GLU C 122 -24.38 21.06 -3.33
C GLU C 122 -23.88 21.27 -1.90
N ASP C 123 -23.89 20.19 -1.08
CA ASP C 123 -23.40 20.21 0.28
C ASP C 123 -21.90 20.56 0.30
N LEU C 124 -21.08 19.86 -0.52
CA LEU C 124 -19.63 20.09 -0.56
C LEU C 124 -19.29 21.47 -1.07
N ALA C 125 -20.03 21.97 -2.08
CA ALA C 125 -19.78 23.33 -2.61
C ALA C 125 -20.02 24.43 -1.58
N SER C 126 -20.78 24.15 -0.51
CA SER C 126 -21.02 25.14 0.56
C SER C 126 -19.81 25.38 1.50
N TYR C 127 -18.74 24.57 1.36
CA TYR C 127 -17.48 24.70 2.13
C TYR C 127 -16.42 25.47 1.29
N THR C 128 -15.80 26.55 1.81
CA THR C 128 -14.85 27.38 1.02
C THR C 128 -13.62 27.82 1.85
N ASP C 129 -12.53 28.23 1.13
CA ASP C 129 -11.23 28.77 1.60
C ASP C 129 -10.16 27.75 1.93
N MET D 1 -13.10 -1.61 -2.16
CA MET D 1 -12.50 -0.32 -1.84
C MET D 1 -11.91 -0.28 -0.40
N LEU D 2 -12.52 -1.05 0.51
CA LEU D 2 -12.10 -1.10 1.91
C LEU D 2 -10.98 -2.13 2.12
N LYS D 3 -9.89 -1.69 2.75
CA LYS D 3 -8.70 -2.46 3.12
C LYS D 3 -8.79 -2.81 4.62
N ILE D 4 -8.52 -4.07 4.96
CA ILE D 4 -8.51 -4.56 6.33
C ILE D 4 -7.06 -5.00 6.65
N SER D 5 -6.39 -4.35 7.63
CA SER D 5 -5.00 -4.74 7.98
C SER D 5 -4.97 -6.12 8.66
N THR D 6 -3.83 -6.81 8.57
CA THR D 6 -3.69 -8.13 9.18
C THR D 6 -3.73 -8.02 10.70
N LYS D 7 -3.07 -6.98 11.25
CA LYS D 7 -3.01 -6.78 12.71
C LYS D 7 -4.39 -6.60 13.29
N GLY D 8 -5.19 -5.76 12.64
CA GLY D 8 -6.56 -5.46 13.02
C GLY D 8 -7.45 -6.67 12.89
N ARG D 9 -7.37 -7.35 11.75
CA ARG D 9 -8.18 -8.53 11.49
C ARG D 9 -7.91 -9.60 12.55
N TYR D 10 -6.65 -9.97 12.77
CA TYR D 10 -6.30 -11.04 13.70
C TYR D 10 -6.35 -10.65 15.17
N GLY D 11 -6.14 -9.37 15.46
CA GLY D 11 -6.30 -8.87 16.82
C GLY D 11 -7.75 -8.95 17.23
N LEU D 12 -8.61 -8.60 16.28
CA LEU D 12 -10.04 -8.68 16.48
C LEU D 12 -10.49 -10.15 16.64
N THR D 13 -9.89 -11.10 15.86
CA THR D 13 -10.11 -12.56 15.93
C THR D 13 -9.82 -13.11 17.34
N ILE D 14 -8.67 -12.73 17.93
CA ILE D 14 -8.31 -13.17 19.29
C ILE D 14 -9.43 -12.76 20.26
N MET D 15 -9.84 -11.46 20.21
CA MET D 15 -10.84 -10.91 21.10
C MET D 15 -12.21 -11.56 20.93
N ILE D 16 -12.61 -11.84 19.68
CA ILE D 16 -13.88 -12.50 19.36
C ILE D 16 -13.86 -13.95 19.91
N GLU D 17 -12.74 -14.68 19.74
CA GLU D 17 -12.60 -16.05 20.27
C GLU D 17 -12.75 -16.04 21.78
N LEU D 18 -12.11 -15.08 22.44
CA LEU D 18 -12.20 -14.95 23.90
C LEU D 18 -13.64 -14.58 24.34
N ALA D 19 -14.33 -13.74 23.54
CA ALA D 19 -15.71 -13.35 23.87
C ALA D 19 -16.66 -14.56 23.72
N LYS D 20 -16.43 -15.42 22.73
CA LYS D 20 -17.23 -16.63 22.53
C LYS D 20 -17.01 -17.65 23.67
N LYS D 21 -15.82 -17.64 24.30
CA LYS D 21 -15.46 -18.54 25.40
C LYS D 21 -15.57 -17.89 26.77
N HIS D 22 -16.22 -16.69 26.84
CA HIS D 22 -16.35 -15.95 28.08
C HIS D 22 -17.14 -16.80 29.11
N GLY D 23 -16.60 -16.96 30.30
CA GLY D 23 -17.23 -17.78 31.34
C GLY D 23 -16.91 -19.27 31.22
N GLU D 24 -16.03 -19.65 30.27
CA GLU D 24 -15.64 -21.05 30.04
C GLU D 24 -14.20 -21.33 30.41
N GLY D 25 -13.68 -20.57 31.36
CA GLY D 25 -12.31 -20.70 31.82
C GLY D 25 -11.27 -20.11 30.87
N PRO D 26 -9.95 -20.25 31.19
CA PRO D 26 -8.91 -19.69 30.29
C PRO D 26 -8.78 -20.42 28.96
N THR D 27 -8.31 -19.69 27.93
CA THR D 27 -8.11 -20.22 26.58
C THR D 27 -6.68 -19.94 26.21
N SER D 28 -5.93 -21.00 25.85
CA SER D 28 -4.55 -20.76 25.48
C SER D 28 -4.49 -20.12 24.08
N LEU D 29 -3.42 -19.37 23.83
CA LEU D 29 -3.17 -18.76 22.53
C LEU D 29 -2.98 -19.84 21.50
N LYS D 30 -2.36 -20.96 21.91
CA LYS D 30 -2.16 -22.13 21.04
C LYS D 30 -3.49 -22.62 20.45
N SER D 31 -4.56 -22.77 21.27
CA SER D 31 -5.86 -23.22 20.73
C SER D 31 -6.52 -22.20 19.80
N ILE D 32 -6.40 -20.89 20.12
CA ILE D 32 -6.93 -19.83 19.23
C ILE D 32 -6.19 -19.90 17.88
N ALA D 33 -4.85 -20.06 17.92
CA ALA D 33 -4.02 -20.18 16.72
C ALA D 33 -4.42 -21.42 15.88
N GLN D 34 -4.64 -22.56 16.55
CA GLN D 34 -5.07 -23.82 15.94
C GLN D 34 -6.44 -23.67 15.26
N THR D 35 -7.42 -23.05 15.95
CA THR D 35 -8.77 -22.78 15.42
C THR D 35 -8.71 -21.91 14.16
N ASN D 36 -7.82 -20.91 14.15
CA ASN D 36 -7.73 -19.97 13.06
C ASN D 36 -6.65 -20.20 12.00
N ASN D 37 -5.98 -21.36 12.07
CA ASN D 37 -4.91 -21.79 11.14
C ASN D 37 -3.81 -20.72 10.98
N LEU D 38 -3.29 -20.24 12.13
CA LEU D 38 -2.24 -19.22 12.25
C LEU D 38 -1.19 -19.75 13.20
N SER D 39 0.01 -19.15 13.15
CA SER D 39 1.06 -19.45 14.11
C SER D 39 0.73 -18.73 15.44
N GLU D 40 0.88 -19.45 16.55
CA GLU D 40 0.72 -18.92 17.89
C GLU D 40 1.74 -17.79 18.09
N HIS D 41 2.90 -17.91 17.45
CA HIS D 41 4.00 -16.96 17.52
C HIS D 41 3.75 -15.70 16.72
N TYR D 42 2.81 -15.76 15.74
CA TYR D 42 2.32 -14.57 15.06
C TYR D 42 1.31 -13.90 16.03
N LEU D 43 0.34 -14.69 16.58
CA LEU D 43 -0.68 -14.18 17.53
C LEU D 43 -0.10 -13.52 18.78
N GLU D 44 1.04 -14.05 19.31
CA GLU D 44 1.74 -13.50 20.48
CA GLU D 44 1.71 -13.49 20.48
C GLU D 44 2.05 -12.01 20.29
N GLN D 45 2.41 -11.62 19.07
CA GLN D 45 2.78 -10.23 18.75
C GLN D 45 1.59 -9.29 18.89
N LEU D 46 0.36 -9.82 18.73
CA LEU D 46 -0.88 -9.02 18.84
C LEU D 46 -1.43 -9.00 20.25
N VAL D 47 -1.27 -10.12 21.00
CA VAL D 47 -1.78 -10.21 22.37
C VAL D 47 -1.08 -9.35 23.38
N SER D 48 0.26 -9.15 23.30
CA SER D 48 1.04 -8.34 24.24
C SER D 48 0.47 -6.93 24.40
N PRO D 49 0.21 -6.12 23.33
CA PRO D 49 -0.43 -4.80 23.56
C PRO D 49 -1.85 -4.92 24.13
N LEU D 50 -2.64 -5.95 23.70
CA LEU D 50 -3.99 -6.16 24.25
C LEU D 50 -3.95 -6.44 25.77
N ARG D 51 -2.95 -7.22 26.21
CA ARG D 51 -2.71 -7.53 27.61
C ARG D 51 -2.26 -6.27 28.36
N ASN D 52 -1.33 -5.48 27.78
CA ASN D 52 -0.87 -4.21 28.39
C ASN D 52 -1.99 -3.23 28.60
N ALA D 53 -2.95 -3.22 27.67
CA ALA D 53 -4.14 -2.35 27.75
C ALA D 53 -5.22 -2.86 28.71
N GLY D 54 -5.04 -4.06 29.27
CA GLY D 54 -6.02 -4.62 30.18
C GLY D 54 -7.25 -5.19 29.47
N LEU D 55 -7.16 -5.35 28.15
CA LEU D 55 -8.27 -5.89 27.35
C LEU D 55 -8.36 -7.41 27.50
N VAL D 56 -7.23 -8.02 27.78
CA VAL D 56 -7.10 -9.46 28.04
C VAL D 56 -6.27 -9.61 29.30
N LYS D 57 -6.49 -10.73 30.01
CA LYS D 57 -5.77 -11.05 31.23
CA LYS D 57 -5.78 -11.05 31.23
C LYS D 57 -5.18 -12.45 31.07
N SER D 58 -3.94 -12.63 31.49
CA SER D 58 -3.28 -13.93 31.40
C SER D 58 -3.45 -14.63 32.77
N ILE D 59 -3.96 -15.88 32.77
CA ILE D 59 -4.10 -16.66 34.00
C ILE D 59 -2.97 -17.71 33.96
N ARG D 60 -2.11 -17.71 34.98
CA ARG D 60 -0.98 -18.65 35.00
C ARG D 60 -1.37 -20.09 35.38
N GLY D 61 -0.45 -21.03 35.17
CA GLY D 61 -0.63 -22.42 35.54
C GLY D 61 -0.87 -23.39 34.43
N ALA D 62 -1.01 -24.69 34.83
CA ALA D 62 -1.22 -25.84 33.93
C ALA D 62 -2.49 -25.73 33.11
N TYR D 63 -3.51 -25.07 33.66
CA TYR D 63 -4.78 -24.90 32.96
C TYR D 63 -4.97 -23.43 32.60
N GLY D 64 -3.86 -22.70 32.56
CA GLY D 64 -3.88 -21.27 32.29
C GLY D 64 -4.19 -20.90 30.86
N GLY D 65 -4.18 -19.60 30.61
CA GLY D 65 -4.50 -19.06 29.32
C GLY D 65 -5.08 -17.68 29.49
N TYR D 66 -5.73 -17.20 28.43
CA TYR D 66 -6.30 -15.87 28.43
C TYR D 66 -7.78 -15.85 28.67
N VAL D 67 -8.24 -14.74 29.27
CA VAL D 67 -9.63 -14.40 29.48
C VAL D 67 -9.74 -12.90 29.11
N LEU D 68 -10.96 -12.41 28.92
CA LEU D 68 -11.20 -10.99 28.66
C LEU D 68 -10.93 -10.19 29.92
N GLY D 69 -10.46 -8.95 29.78
CA GLY D 69 -10.17 -8.10 30.92
C GLY D 69 -11.38 -7.38 31.48
N SER D 70 -12.53 -7.51 30.80
CA SER D 70 -13.83 -6.92 31.13
C SER D 70 -14.89 -7.79 30.51
N GLU D 71 -16.16 -7.48 30.78
CA GLU D 71 -17.29 -8.20 30.16
C GLU D 71 -17.31 -7.90 28.66
N PRO D 72 -17.75 -8.87 27.81
CA PRO D 72 -17.79 -8.60 26.34
C PRO D 72 -18.54 -7.33 25.93
N ASP D 73 -19.59 -6.93 26.68
CA ASP D 73 -20.37 -5.73 26.36
C ASP D 73 -19.66 -4.44 26.72
N ALA D 74 -18.56 -4.53 27.47
CA ALA D 74 -17.79 -3.36 27.91
C ALA D 74 -16.54 -3.10 27.06
N ILE D 75 -16.32 -3.93 26.02
CA ILE D 75 -15.17 -3.79 25.12
C ILE D 75 -15.68 -3.55 23.72
N THR D 76 -15.20 -2.48 23.07
CA THR D 76 -15.63 -2.20 21.70
C THR D 76 -14.57 -2.58 20.69
N ALA D 77 -14.97 -2.70 19.41
CA ALA D 77 -14.05 -2.92 18.31
C ALA D 77 -13.07 -1.75 18.26
N GLY D 78 -13.55 -0.53 18.55
CA GLY D 78 -12.73 0.68 18.61
C GLY D 78 -11.64 0.61 19.66
N ASP D 79 -11.95 0.10 20.87
CA ASP D 79 -10.97 -0.07 21.95
C ASP D 79 -9.81 -0.96 21.48
N ILE D 80 -10.14 -2.02 20.74
CA ILE D 80 -9.15 -2.98 20.24
C ILE D 80 -8.28 -2.36 19.13
N ILE D 81 -8.93 -1.75 18.14
CA ILE D 81 -8.22 -1.18 16.98
C ILE D 81 -7.26 -0.05 17.38
N ARG D 82 -7.68 0.83 18.32
CA ARG D 82 -6.84 1.93 18.78
C ARG D 82 -5.54 1.46 19.42
N VAL D 83 -5.59 0.31 20.12
CA VAL D 83 -4.39 -0.27 20.77
C VAL D 83 -3.46 -0.88 19.75
N LEU D 84 -4.00 -1.63 18.80
CA LEU D 84 -3.16 -2.30 17.82
C LEU D 84 -2.69 -1.43 16.66
N GLU D 85 -3.53 -0.51 16.19
CA GLU D 85 -3.20 0.22 14.96
C GLU D 85 -3.01 1.71 15.12
N GLY D 86 -3.45 2.26 16.23
CA GLY D 86 -3.35 3.69 16.45
C GLY D 86 -4.65 4.38 16.06
N PRO D 87 -4.59 5.70 15.79
CA PRO D 87 -5.83 6.44 15.47
C PRO D 87 -6.53 5.98 14.20
N ILE D 88 -7.86 6.03 14.23
CA ILE D 88 -8.69 5.65 13.10
C ILE D 88 -8.73 6.80 12.11
N SER D 89 -8.19 6.57 10.92
CA SER D 89 -8.11 7.58 9.88
C SER D 89 -8.25 6.90 8.53
N PRO D 90 -9.52 6.65 8.10
CA PRO D 90 -9.76 5.93 6.83
C PRO D 90 -9.20 6.53 5.55
N VAL D 91 -9.23 7.85 5.42
CA VAL D 91 -8.66 8.50 4.24
C VAL D 91 -7.64 9.47 4.76
N GLU D 92 -6.41 9.42 4.25
CA GLU D 92 -5.42 10.40 4.70
C GLU D 92 -5.76 11.76 4.10
N VAL D 93 -5.64 12.79 4.93
CA VAL D 93 -5.86 14.20 4.59
C VAL D 93 -4.49 14.69 4.11
N LEU D 94 -4.48 15.44 3.01
CA LEU D 94 -3.23 15.95 2.42
C LEU D 94 -3.11 17.45 2.64
N GLU D 95 -1.89 17.94 2.75
CA GLU D 95 -1.58 19.35 2.95
C GLU D 95 -2.21 20.18 1.82
N ASP D 96 -2.83 21.32 2.18
CA ASP D 96 -3.50 22.26 1.27
C ASP D 96 -4.68 21.67 0.48
N GLU D 97 -5.20 20.49 0.91
CA GLU D 97 -6.39 19.91 0.30
C GLU D 97 -7.55 20.89 0.60
N GLU D 98 -8.44 21.10 -0.37
CA GLU D 98 -9.54 22.04 -0.24
C GLU D 98 -10.47 21.67 0.96
N PRO D 99 -11.05 22.68 1.66
CA PRO D 99 -11.95 22.37 2.77
C PRO D 99 -13.12 21.43 2.46
N ALA D 100 -13.69 21.46 1.22
CA ALA D 100 -14.79 20.57 0.82
C ALA D 100 -14.34 19.09 0.88
N LYS D 101 -13.11 18.80 0.41
CA LYS D 101 -12.57 17.43 0.46
C LYS D 101 -12.18 17.03 1.87
N ARG D 102 -11.57 17.99 2.64
CA ARG D 102 -11.22 17.77 4.05
C ARG D 102 -12.52 17.36 4.81
N GLU D 103 -13.65 18.09 4.57
CA GLU D 103 -14.95 17.77 5.16
C GLU D 103 -15.41 16.35 4.80
N LEU D 104 -15.30 15.92 3.54
CA LEU D 104 -15.68 14.57 3.16
C LEU D 104 -14.88 13.50 3.95
N TRP D 105 -13.55 13.69 4.12
CA TRP D 105 -12.71 12.74 4.85
C TRP D 105 -13.10 12.69 6.31
N ILE D 106 -13.43 13.86 6.93
CA ILE D 106 -13.88 13.95 8.32
C ILE D 106 -15.19 13.16 8.49
N ARG D 107 -16.13 13.32 7.54
CA ARG D 107 -17.42 12.63 7.61
C ARG D 107 -17.21 11.10 7.54
N ILE D 108 -16.29 10.66 6.66
CA ILE D 108 -15.99 9.22 6.53
C ILE D 108 -15.37 8.72 7.86
N ARG D 109 -14.40 9.48 8.39
CA ARG D 109 -13.74 9.16 9.64
C ARG D 109 -14.74 9.05 10.78
N ASP D 110 -15.66 10.03 10.91
CA ASP D 110 -16.69 10.01 11.97
C ASP D 110 -17.63 8.82 11.85
N ALA D 111 -18.02 8.45 10.62
CA ALA D 111 -18.91 7.31 10.44
C ALA D 111 -18.21 5.98 10.82
N VAL D 112 -16.92 5.84 10.47
CA VAL D 112 -16.12 4.66 10.81
C VAL D 112 -15.97 4.58 12.32
N LYS D 113 -15.61 5.70 12.96
CA LYS D 113 -15.43 5.79 14.40
C LYS D 113 -16.73 5.42 15.15
N GLU D 114 -17.90 5.85 14.62
CA GLU D 114 -19.19 5.52 15.23
C GLU D 114 -19.46 4.01 15.21
N VAL D 115 -19.16 3.33 14.07
CA VAL D 115 -19.34 1.89 13.96
C VAL D 115 -18.41 1.20 15.01
N LEU D 116 -17.14 1.61 15.06
CA LEU D 116 -16.14 1.05 15.98
C LEU D 116 -16.48 1.26 17.44
N ASP D 117 -17.01 2.44 17.78
CA ASP D 117 -17.33 2.77 19.15
C ASP D 117 -18.67 2.20 19.63
N SER D 118 -19.57 1.88 18.70
CA SER D 118 -20.88 1.35 19.04
C SER D 118 -20.97 -0.17 18.91
N THR D 119 -19.91 -0.85 18.39
CA THR D 119 -19.92 -2.30 18.20
C THR D 119 -19.13 -2.95 19.34
N THR D 120 -19.78 -3.77 20.15
CA THR D 120 -19.08 -4.40 21.25
C THR D 120 -18.67 -5.80 20.86
N LEU D 121 -17.83 -6.44 21.71
CA LEU D 121 -17.45 -7.84 21.49
C LEU D 121 -18.65 -8.72 21.72
N GLU D 122 -19.56 -8.32 22.62
CA GLU D 122 -20.80 -9.06 22.87
C GLU D 122 -21.61 -9.08 21.59
N ASP D 123 -21.75 -7.91 20.91
CA ASP D 123 -22.44 -7.79 19.63
C ASP D 123 -21.82 -8.74 18.59
N LEU D 124 -20.48 -8.70 18.42
CA LEU D 124 -19.81 -9.55 17.44
C LEU D 124 -19.91 -11.02 17.75
N ALA D 125 -19.72 -11.39 19.04
CA ALA D 125 -19.81 -12.80 19.48
C ALA D 125 -21.22 -13.38 19.29
N SER D 126 -22.27 -12.53 19.18
CA SER D 126 -23.66 -12.95 19.00
C SER D 126 -23.95 -13.50 17.58
N TYR D 127 -23.02 -13.33 16.63
CA TYR D 127 -23.17 -13.84 15.28
C TYR D 127 -22.64 -15.27 15.23
N THR D 128 -23.55 -16.22 14.91
CA THR D 128 -23.32 -17.68 14.85
C THR D 128 -22.34 -18.09 13.76
N MET E 1 1.11 -9.79 -1.43
CA MET E 1 2.43 -9.56 -2.04
C MET E 1 2.38 -9.19 -3.51
N LEU E 2 1.35 -9.63 -4.23
CA LEU E 2 1.20 -9.35 -5.65
C LEU E 2 0.34 -8.11 -5.87
N LYS E 3 0.84 -7.14 -6.65
CA LYS E 3 0.06 -5.94 -6.90
C LYS E 3 -0.79 -5.94 -8.18
N ILE E 4 -1.91 -6.66 -8.09
CA ILE E 4 -2.95 -6.71 -9.09
C ILE E 4 -3.97 -5.71 -8.53
N SER E 5 -4.24 -4.68 -9.28
CA SER E 5 -5.13 -3.61 -8.85
C SER E 5 -6.58 -3.86 -9.29
N THR E 6 -7.47 -2.88 -9.02
CA THR E 6 -8.87 -2.87 -9.44
C THR E 6 -8.94 -3.00 -10.98
N LYS E 7 -8.05 -2.31 -11.73
CA LYS E 7 -7.92 -2.36 -13.19
C LYS E 7 -7.75 -3.81 -13.68
N GLY E 8 -6.81 -4.53 -13.08
CA GLY E 8 -6.54 -5.93 -13.41
C GLY E 8 -7.69 -6.83 -13.07
N ARG E 9 -8.27 -6.65 -11.87
CA ARG E 9 -9.41 -7.47 -11.42
C ARG E 9 -10.60 -7.34 -12.38
N TYR E 10 -10.97 -6.09 -12.70
CA TYR E 10 -12.12 -5.81 -13.56
C TYR E 10 -11.89 -6.00 -15.05
N GLY E 11 -10.62 -5.90 -15.45
CA GLY E 11 -10.20 -6.22 -16.81
C GLY E 11 -10.37 -7.72 -17.01
N LEU E 12 -10.03 -8.54 -15.97
CA LEU E 12 -10.23 -9.99 -16.01
C LEU E 12 -11.73 -10.31 -16.06
N THR E 13 -12.55 -9.55 -15.31
CA THR E 13 -14.01 -9.71 -15.29
C THR E 13 -14.58 -9.59 -16.72
N ILE E 14 -14.17 -8.53 -17.45
CA ILE E 14 -14.62 -8.29 -18.83
C ILE E 14 -14.30 -9.53 -19.68
N MET E 15 -13.04 -9.97 -19.64
CA MET E 15 -12.54 -11.07 -20.45
C MET E 15 -13.23 -12.40 -20.14
N ILE E 16 -13.49 -12.67 -18.85
CA ILE E 16 -14.20 -13.86 -18.38
C ILE E 16 -15.65 -13.85 -18.88
N GLU E 17 -16.35 -12.70 -18.76
CA GLU E 17 -17.74 -12.56 -19.24
C GLU E 17 -17.83 -12.81 -20.72
N LEU E 18 -16.84 -12.30 -21.51
CA LEU E 18 -16.75 -12.51 -22.94
C LEU E 18 -16.43 -13.98 -23.27
N ALA E 19 -15.58 -14.64 -22.46
CA ALA E 19 -15.23 -16.06 -22.67
C ALA E 19 -16.46 -16.95 -22.44
N LYS E 20 -17.28 -16.62 -21.44
CA LYS E 20 -18.51 -17.35 -21.15
C LYS E 20 -19.55 -17.23 -22.29
N LYS E 21 -19.54 -16.09 -22.99
CA LYS E 21 -20.47 -15.79 -24.10
C LYS E 21 -19.84 -15.99 -25.49
N HIS E 22 -18.68 -16.67 -25.56
CA HIS E 22 -17.97 -16.90 -26.81
C HIS E 22 -18.82 -17.71 -27.79
N GLY E 23 -19.00 -17.15 -28.98
CA GLY E 23 -19.81 -17.74 -30.04
C GLY E 23 -21.29 -17.45 -29.91
N GLU E 24 -21.69 -16.60 -28.94
CA GLU E 24 -23.08 -16.23 -28.68
C GLU E 24 -23.40 -14.78 -29.09
N GLY E 25 -22.63 -14.24 -30.00
CA GLY E 25 -22.81 -12.88 -30.47
C GLY E 25 -22.20 -11.83 -29.56
N PRO E 26 -22.29 -10.53 -29.94
CA PRO E 26 -21.68 -9.47 -29.13
C PRO E 26 -22.32 -9.26 -27.76
N THR E 27 -21.51 -8.72 -26.80
CA THR E 27 -21.94 -8.42 -25.44
C THR E 27 -21.60 -6.95 -25.17
N SER E 28 -22.58 -6.15 -24.76
CA SER E 28 -22.36 -4.73 -24.47
C SER E 28 -21.63 -4.58 -23.12
N LEU E 29 -20.86 -3.49 -22.95
CA LEU E 29 -20.19 -3.20 -21.68
C LEU E 29 -21.23 -2.94 -20.61
N LYS E 30 -22.37 -2.34 -21.02
CA LYS E 30 -23.50 -2.06 -20.14
C LYS E 30 -23.99 -3.35 -19.44
N SER E 31 -24.17 -4.46 -20.20
CA SER E 31 -24.64 -5.71 -19.58
C SER E 31 -23.59 -6.34 -18.66
N ILE E 32 -22.29 -6.28 -19.04
CA ILE E 32 -21.20 -6.79 -18.19
C ILE E 32 -21.18 -6.00 -16.87
N ALA E 33 -21.31 -4.66 -16.96
CA ALA E 33 -21.34 -3.75 -15.81
C ALA E 33 -22.53 -4.05 -14.90
N GLN E 34 -23.72 -4.28 -15.51
CA GLN E 34 -24.96 -4.59 -14.79
C GLN E 34 -24.82 -5.92 -14.04
N THR E 35 -24.33 -6.96 -14.73
CA THR E 35 -24.11 -8.30 -14.15
C THR E 35 -23.17 -8.22 -12.93
N ASN E 36 -22.11 -7.42 -13.04
CA ASN E 36 -21.09 -7.33 -12.00
C ASN E 36 -21.17 -6.17 -11.03
N ASN E 37 -22.28 -5.42 -11.06
CA ASN E 37 -22.56 -4.29 -10.16
C ASN E 37 -21.43 -3.24 -10.14
N LEU E 38 -21.01 -2.81 -11.33
CA LEU E 38 -19.97 -1.78 -11.54
C LEU E 38 -20.53 -0.74 -12.50
N SER E 39 -19.83 0.41 -12.57
CA SER E 39 -20.17 1.43 -13.55
C SER E 39 -19.60 1.02 -14.89
N GLU E 40 -20.44 1.12 -15.94
CA GLU E 40 -20.03 0.88 -17.32
C GLU E 40 -18.92 1.87 -17.68
N HIS E 41 -18.99 3.07 -17.10
CA HIS E 41 -18.03 4.15 -17.35
C HIS E 41 -16.68 3.91 -16.67
N TYR E 42 -16.66 3.01 -15.68
CA TYR E 42 -15.40 2.58 -15.09
C TYR E 42 -14.84 1.50 -16.06
N LEU E 43 -15.68 0.51 -16.46
CA LEU E 43 -15.27 -0.57 -17.39
C LEU E 43 -14.73 -0.06 -18.73
N GLU E 44 -15.31 1.04 -19.26
CA GLU E 44 -14.89 1.65 -20.52
C GLU E 44 -13.40 2.03 -20.53
N GLN E 45 -12.85 2.45 -19.38
CA GLN E 45 -11.43 2.82 -19.24
C GLN E 45 -10.51 1.59 -19.41
N LEU E 46 -11.05 0.38 -19.20
CA LEU E 46 -10.30 -0.88 -19.29
C LEU E 46 -10.33 -1.52 -20.68
N VAL E 47 -11.43 -1.33 -21.44
CA VAL E 47 -11.55 -1.94 -22.78
C VAL E 47 -10.62 -1.39 -23.83
N SER E 48 -10.40 -0.05 -23.84
CA SER E 48 -9.54 0.60 -24.83
C SER E 48 -8.17 -0.07 -24.99
N PRO E 49 -7.38 -0.31 -23.90
CA PRO E 49 -6.12 -1.05 -24.08
C PRO E 49 -6.33 -2.51 -24.51
N LEU E 50 -7.41 -3.16 -24.04
CA LEU E 50 -7.68 -4.57 -24.38
C LEU E 50 -8.01 -4.68 -25.89
N ARG E 51 -8.73 -3.67 -26.41
CA ARG E 51 -9.08 -3.55 -27.82
C ARG E 51 -7.82 -3.27 -28.65
N ASN E 52 -6.95 -2.34 -28.19
CA ASN E 52 -5.68 -2.03 -28.88
C ASN E 52 -4.76 -3.23 -28.96
N ALA E 53 -4.80 -4.11 -27.96
CA ALA E 53 -3.98 -5.32 -27.90
C ALA E 53 -4.59 -6.46 -28.74
N GLY E 54 -5.79 -6.25 -29.28
CA GLY E 54 -6.48 -7.25 -30.07
C GLY E 54 -7.07 -8.37 -29.23
N LEU E 55 -7.20 -8.16 -27.91
CA LEU E 55 -7.75 -9.16 -27.00
C LEU E 55 -9.27 -9.18 -27.08
N VAL E 56 -9.85 -8.04 -27.48
CA VAL E 56 -11.29 -7.86 -27.68
C VAL E 56 -11.48 -7.15 -29.01
N LYS E 57 -12.67 -7.33 -29.63
CA LYS E 57 -13.07 -6.67 -30.89
C LYS E 57 -14.40 -6.00 -30.66
N SER E 58 -14.56 -4.78 -31.15
CA SER E 58 -15.80 -4.03 -31.02
C SER E 58 -16.65 -4.22 -32.29
N ILE E 59 -17.89 -4.66 -32.12
CA ILE E 59 -18.82 -4.85 -33.23
C ILE E 59 -19.83 -3.69 -33.18
N ARG E 60 -19.95 -2.92 -34.29
CA ARG E 60 -20.86 -1.76 -34.38
C ARG E 60 -22.33 -2.18 -34.53
N GLY E 61 -23.23 -1.23 -34.27
CA GLY E 61 -24.67 -1.42 -34.41
C GLY E 61 -25.45 -1.49 -33.11
N ALA E 62 -26.80 -1.47 -33.23
CA ALA E 62 -27.75 -1.55 -32.11
C ALA E 62 -27.66 -2.89 -31.35
N TYR E 63 -27.23 -3.95 -32.06
CA TYR E 63 -27.05 -5.28 -31.48
C TYR E 63 -25.55 -5.60 -31.39
N GLY E 64 -24.75 -4.54 -31.36
CA GLY E 64 -23.30 -4.61 -31.27
C GLY E 64 -22.79 -4.76 -29.85
N GLY E 65 -21.49 -4.56 -29.69
CA GLY E 65 -20.79 -4.67 -28.41
C GLY E 65 -19.41 -5.29 -28.59
N TYR E 66 -19.00 -6.18 -27.67
CA TYR E 66 -17.69 -6.81 -27.72
C TYR E 66 -17.72 -8.31 -27.87
N VAL E 67 -16.67 -8.84 -28.50
CA VAL E 67 -16.37 -10.27 -28.64
C VAL E 67 -14.88 -10.42 -28.35
N LEU E 68 -14.42 -11.64 -28.09
CA LEU E 68 -13.00 -11.93 -27.89
C LEU E 68 -12.27 -11.78 -29.21
N GLY E 69 -11.01 -11.37 -29.16
CA GLY E 69 -10.19 -11.21 -30.35
C GLY E 69 -9.53 -12.50 -30.79
N SER E 70 -9.67 -13.57 -30.01
CA SER E 70 -9.10 -14.91 -30.24
C SER E 70 -9.95 -15.90 -29.51
N GLU E 71 -9.68 -17.20 -29.68
CA GLU E 71 -10.36 -18.28 -28.96
C GLU E 71 -9.97 -18.19 -27.45
N PRO E 72 -10.86 -18.60 -26.51
CA PRO E 72 -10.52 -18.52 -25.07
C PRO E 72 -9.24 -19.26 -24.66
N ASP E 73 -8.91 -20.35 -25.35
CA ASP E 73 -7.70 -21.13 -25.04
C ASP E 73 -6.41 -20.43 -25.53
N ALA E 74 -6.55 -19.38 -26.35
CA ALA E 74 -5.43 -18.65 -26.88
C ALA E 74 -5.12 -17.35 -26.09
N ILE E 75 -5.91 -17.04 -25.04
CA ILE E 75 -5.73 -15.86 -24.18
C ILE E 75 -5.48 -16.31 -22.75
N THR E 76 -4.39 -15.83 -22.12
CA THR E 76 -4.10 -16.17 -20.71
C THR E 76 -4.40 -15.00 -19.77
N ALA E 77 -4.50 -15.29 -18.45
CA ALA E 77 -4.64 -14.27 -17.42
C ALA E 77 -3.43 -13.32 -17.50
N GLY E 78 -2.26 -13.88 -17.79
CA GLY E 78 -1.01 -13.14 -17.97
C GLY E 78 -1.07 -12.13 -19.11
N ASP E 79 -1.66 -12.54 -20.27
CA ASP E 79 -1.82 -11.65 -21.45
C ASP E 79 -2.62 -10.42 -21.09
N ILE E 80 -3.67 -10.62 -20.28
CA ILE E 80 -4.58 -9.54 -19.88
C ILE E 80 -3.90 -8.59 -18.89
N ILE E 81 -3.25 -9.18 -17.84
CA ILE E 81 -2.55 -8.42 -16.80
CA ILE E 81 -2.57 -8.39 -16.81
C ILE E 81 -1.44 -7.54 -17.38
N ARG E 82 -0.64 -8.07 -18.33
CA ARG E 82 0.46 -7.34 -18.96
C ARG E 82 -0.01 -6.07 -19.68
N VAL E 83 -1.18 -6.11 -20.31
CA VAL E 83 -1.73 -4.98 -21.03
C VAL E 83 -2.25 -3.91 -20.07
N LEU E 84 -2.95 -4.34 -19.02
CA LEU E 84 -3.56 -3.41 -18.08
C LEU E 84 -2.66 -2.92 -16.96
N GLU E 85 -1.74 -3.74 -16.49
CA GLU E 85 -0.93 -3.41 -15.31
C GLU E 85 0.56 -3.29 -15.54
N GLY E 86 1.02 -3.75 -16.69
CA GLY E 86 2.43 -3.68 -16.98
C GLY E 86 3.11 -4.99 -16.71
N PRO E 87 4.46 -5.02 -16.70
CA PRO E 87 5.16 -6.30 -16.61
C PRO E 87 4.93 -7.14 -15.37
N ILE E 88 4.97 -8.48 -15.52
CA ILE E 88 4.74 -9.45 -14.44
C ILE E 88 6.06 -9.85 -13.72
N SER E 89 7.16 -9.93 -14.47
CA SER E 89 8.46 -10.33 -13.93
C SER E 89 9.11 -9.39 -12.87
N PRO E 90 9.07 -8.03 -12.95
CA PRO E 90 9.79 -7.21 -11.94
C PRO E 90 9.45 -7.49 -10.49
N VAL E 91 10.50 -7.61 -9.70
CA VAL E 91 10.43 -7.87 -8.26
C VAL E 91 11.32 -6.81 -7.56
N GLU E 92 10.92 -6.36 -6.37
CA GLU E 92 11.71 -5.38 -5.62
C GLU E 92 13.07 -5.96 -5.25
N VAL E 93 14.14 -5.20 -5.52
CA VAL E 93 15.48 -5.67 -5.24
C VAL E 93 16.27 -4.67 -4.41
N LEU E 94 17.38 -5.14 -3.84
CA LEU E 94 18.33 -4.29 -3.14
C LEU E 94 19.49 -4.11 -4.12
N GLU E 95 20.26 -3.03 -3.99
CA GLU E 95 21.42 -2.79 -4.86
C GLU E 95 22.53 -3.81 -4.50
N ASP E 96 23.21 -4.34 -5.53
CA ASP E 96 24.26 -5.38 -5.45
C ASP E 96 23.86 -6.58 -4.56
N GLU E 97 22.62 -7.08 -4.79
CA GLU E 97 21.96 -8.19 -4.11
C GLU E 97 22.78 -9.48 -4.11
N GLU E 98 22.73 -10.25 -3.02
CA GLU E 98 23.44 -11.53 -2.96
C GLU E 98 22.49 -12.66 -3.35
N PRO E 99 22.98 -13.66 -4.14
CA PRO E 99 22.09 -14.73 -4.63
C PRO E 99 21.24 -15.43 -3.57
N ALA E 100 21.83 -15.74 -2.40
CA ALA E 100 21.09 -16.45 -1.33
C ALA E 100 19.88 -15.65 -0.84
N LYS E 101 20.08 -14.34 -0.66
CA LYS E 101 19.07 -13.43 -0.13
C LYS E 101 17.99 -13.16 -1.14
N ARG E 102 18.30 -13.05 -2.43
CA ARG E 102 17.28 -12.76 -3.44
C ARG E 102 16.46 -13.98 -3.88
N GLU E 103 17.06 -15.18 -3.76
CA GLU E 103 16.52 -16.43 -4.32
C GLU E 103 15.04 -16.76 -4.05
N LEU E 104 14.60 -16.66 -2.80
CA LEU E 104 13.22 -16.97 -2.44
C LEU E 104 12.22 -16.16 -3.24
N TRP E 105 12.47 -14.86 -3.36
CA TRP E 105 11.57 -13.94 -4.03
C TRP E 105 11.55 -14.21 -5.53
N ILE E 106 12.66 -14.64 -6.13
CA ILE E 106 12.69 -15.01 -7.55
C ILE E 106 11.81 -16.26 -7.77
N ARG E 107 11.93 -17.26 -6.88
CA ARG E 107 11.13 -18.49 -6.96
C ARG E 107 9.63 -18.16 -6.85
N ILE E 108 9.25 -17.23 -5.94
CA ILE E 108 7.85 -16.82 -5.76
C ILE E 108 7.35 -16.15 -7.03
N ARG E 109 8.15 -15.20 -7.55
CA ARG E 109 7.83 -14.48 -8.77
C ARG E 109 7.61 -15.47 -9.95
N ASP E 110 8.51 -16.42 -10.12
CA ASP E 110 8.39 -17.42 -11.21
C ASP E 110 7.12 -18.27 -11.06
N ALA E 111 6.78 -18.67 -9.84
CA ALA E 111 5.58 -19.50 -9.59
C ALA E 111 4.31 -18.75 -9.89
N VAL E 112 4.26 -17.44 -9.53
CA VAL E 112 3.12 -16.58 -9.83
C VAL E 112 2.95 -16.42 -11.34
N LYS E 113 4.07 -16.09 -12.03
CA LYS E 113 4.09 -15.91 -13.49
C LYS E 113 3.64 -17.20 -14.21
N GLU E 114 4.06 -18.37 -13.72
CA GLU E 114 3.66 -19.66 -14.30
C GLU E 114 2.16 -19.88 -14.19
N VAL E 115 1.54 -19.55 -13.02
CA VAL E 115 0.08 -19.67 -12.86
C VAL E 115 -0.62 -18.74 -13.87
N LEU E 116 -0.17 -17.47 -13.95
CA LEU E 116 -0.74 -16.47 -14.86
C LEU E 116 -0.61 -16.84 -16.34
N ASP E 117 0.55 -17.41 -16.71
CA ASP E 117 0.81 -17.79 -18.10
C ASP E 117 0.19 -19.12 -18.49
N SER E 118 -0.15 -19.98 -17.52
CA SER E 118 -0.73 -21.29 -17.82
C SER E 118 -2.23 -21.33 -17.58
N THR E 119 -2.85 -20.23 -17.11
CA THR E 119 -4.29 -20.17 -16.90
C THR E 119 -4.92 -19.42 -18.08
N THR E 120 -5.67 -20.13 -18.95
CA THR E 120 -6.29 -19.51 -20.12
C THR E 120 -7.66 -19.00 -19.82
N LEU E 121 -8.28 -18.27 -20.78
CA LEU E 121 -9.66 -17.83 -20.63
C LEU E 121 -10.60 -19.04 -20.70
N GLU E 122 -10.20 -20.10 -21.40
CA GLU E 122 -10.94 -21.36 -21.46
C GLU E 122 -10.88 -21.94 -20.05
N ASP E 123 -9.68 -21.96 -19.42
CA ASP E 123 -9.59 -22.46 -18.04
C ASP E 123 -10.48 -21.65 -17.10
N LEU E 124 -10.44 -20.29 -17.17
CA LEU E 124 -11.27 -19.45 -16.30
C LEU E 124 -12.76 -19.68 -16.50
N ALA E 125 -13.23 -19.78 -17.76
CA ALA E 125 -14.67 -20.01 -18.01
C ALA E 125 -15.14 -21.42 -17.45
N SER E 126 -14.22 -22.39 -17.33
CA SER E 126 -14.52 -23.74 -16.80
C SER E 126 -14.72 -23.81 -15.28
N TYR E 127 -14.22 -22.77 -14.55
CA TYR E 127 -14.33 -22.65 -13.10
C TYR E 127 -15.72 -22.14 -12.68
N THR E 128 -16.57 -21.84 -13.67
CA THR E 128 -17.90 -21.36 -13.34
C THR E 128 -19.00 -21.98 -14.16
N ASP E 129 -20.26 -21.91 -13.67
CA ASP E 129 -21.46 -22.40 -14.37
C ASP E 129 -22.09 -21.26 -15.15
N MET F 1 5.98 -6.42 -10.48
CA MET F 1 4.68 -7.01 -10.15
C MET F 1 4.65 -7.55 -8.70
N LEU F 2 5.75 -8.18 -8.23
CA LEU F 2 5.81 -8.73 -6.87
C LEU F 2 6.43 -7.74 -5.88
N LYS F 3 5.77 -7.61 -4.72
CA LYS F 3 6.17 -6.76 -3.61
C LYS F 3 6.64 -7.64 -2.47
N ILE F 4 7.77 -7.27 -1.83
CA ILE F 4 8.40 -8.00 -0.73
C ILE F 4 8.35 -7.09 0.51
N SER F 5 7.68 -7.52 1.63
CA SER F 5 7.58 -6.72 2.86
C SER F 5 8.95 -6.59 3.52
N THR F 6 9.17 -5.53 4.28
CA THR F 6 10.47 -5.33 4.93
CA THR F 6 10.48 -5.35 4.90
C THR F 6 10.70 -6.39 6.01
N LYS F 7 9.63 -6.75 6.76
CA LYS F 7 9.67 -7.75 7.82
C LYS F 7 10.09 -9.12 7.27
N GLY F 8 9.45 -9.52 6.18
CA GLY F 8 9.71 -10.78 5.49
C GLY F 8 11.09 -10.80 4.89
N ARG F 9 11.50 -9.69 4.22
CA ARG F 9 12.80 -9.61 3.59
C ARG F 9 13.89 -9.77 4.62
N TYR F 10 13.85 -8.95 5.68
CA TYR F 10 14.90 -8.96 6.69
C TYR F 10 14.84 -10.09 7.67
N GLY F 11 13.65 -10.62 7.92
CA GLY F 11 13.48 -11.80 8.75
C GLY F 11 14.13 -12.99 8.06
N LEU F 12 13.93 -13.10 6.74
CA LEU F 12 14.57 -14.16 5.96
C LEU F 12 16.09 -13.98 5.90
N THR F 13 16.56 -12.72 5.80
CA THR F 13 17.99 -12.38 5.82
C THR F 13 18.67 -12.88 7.08
N ILE F 14 18.06 -12.62 8.26
CA ILE F 14 18.62 -13.08 9.55
C ILE F 14 18.81 -14.61 9.47
N MET F 15 17.76 -15.30 9.05
CA MET F 15 17.74 -16.76 9.00
C MET F 15 18.75 -17.35 8.05
N ILE F 16 18.91 -16.75 6.89
CA ILE F 16 19.88 -17.15 5.86
C ILE F 16 21.32 -16.94 6.42
N GLU F 17 21.58 -15.81 7.11
CA GLU F 17 22.91 -15.54 7.70
C GLU F 17 23.24 -16.63 8.71
N LEU F 18 22.27 -16.97 9.56
CA LEU F 18 22.43 -18.02 10.56
C LEU F 18 22.65 -19.39 9.92
N ALA F 19 21.94 -19.68 8.82
CA ALA F 19 22.08 -20.95 8.09
C ALA F 19 23.49 -21.06 7.47
N LYS F 20 24.03 -19.96 6.93
CA LYS F 20 25.39 -19.91 6.38
C LYS F 20 26.46 -20.20 7.44
N LYS F 21 26.20 -19.79 8.69
CA LYS F 21 27.13 -19.94 9.80
C LYS F 21 26.80 -21.13 10.69
N HIS F 22 25.87 -22.01 10.26
CA HIS F 22 25.47 -23.16 11.05
C HIS F 22 26.66 -24.06 11.41
N GLY F 23 26.81 -24.36 12.70
CA GLY F 23 27.92 -25.14 13.25
C GLY F 23 29.21 -24.37 13.42
N GLU F 24 29.19 -23.04 13.20
CA GLU F 24 30.35 -22.18 13.34
C GLU F 24 30.24 -21.23 14.56
N GLY F 25 29.48 -21.64 15.57
CA GLY F 25 29.27 -20.86 16.77
C GLY F 25 28.22 -19.76 16.61
N PRO F 26 27.94 -19.01 17.70
CA PRO F 26 26.91 -17.96 17.63
C PRO F 26 27.28 -16.77 16.76
N THR F 27 26.25 -16.08 16.21
CA THR F 27 26.42 -14.89 15.39
C THR F 27 25.62 -13.76 16.06
N SER F 28 26.29 -12.66 16.38
CA SER F 28 25.66 -11.54 17.06
C SER F 28 24.70 -10.84 16.13
N LEU F 29 23.58 -10.30 16.63
CA LEU F 29 22.69 -9.50 15.79
C LEU F 29 23.44 -8.29 15.27
N LYS F 30 24.40 -7.77 16.07
CA LYS F 30 25.22 -6.62 15.67
C LYS F 30 25.97 -6.89 14.37
N SER F 31 26.61 -8.09 14.24
CA SER F 31 27.32 -8.42 12.99
C SER F 31 26.38 -8.61 11.80
N ILE F 32 25.20 -9.24 12.02
CA ILE F 32 24.21 -9.41 10.94
C ILE F 32 23.76 -8.02 10.47
N ALA F 33 23.51 -7.09 11.42
CA ALA F 33 23.09 -5.72 11.11
C ALA F 33 24.16 -4.97 10.32
N GLN F 34 25.43 -5.12 10.73
CA GLN F 34 26.59 -4.50 10.08
C GLN F 34 26.75 -5.02 8.64
N THR F 35 26.68 -6.36 8.44
CA THR F 35 26.75 -7.01 7.12
C THR F 35 25.64 -6.49 6.19
N ASN F 36 24.43 -6.28 6.73
CA ASN F 36 23.26 -5.90 5.94
C ASN F 36 22.89 -4.43 5.93
N ASN F 37 23.76 -3.57 6.48
CA ASN F 37 23.58 -2.11 6.51
C ASN F 37 22.26 -1.65 7.13
N LEU F 38 21.92 -2.21 8.27
CA LEU F 38 20.73 -1.83 9.02
C LEU F 38 20.94 -1.80 10.51
N SER F 39 19.98 -1.22 11.25
CA SER F 39 20.10 -1.11 12.70
C SER F 39 19.86 -2.46 13.36
N GLU F 40 20.72 -2.80 14.31
CA GLU F 40 20.59 -4.01 15.13
C GLU F 40 19.26 -3.93 15.90
N HIS F 41 18.83 -2.70 16.24
CA HIS F 41 17.61 -2.45 16.99
C HIS F 41 16.35 -2.58 16.15
N TYR F 42 16.50 -2.52 14.81
CA TYR F 42 15.40 -2.85 13.90
C TYR F 42 15.37 -4.41 13.84
N LEU F 43 16.52 -5.06 13.63
CA LEU F 43 16.61 -6.54 13.55
C LEU F 43 16.07 -7.25 14.79
N GLU F 44 16.34 -6.69 15.98
CA GLU F 44 15.84 -7.24 17.24
C GLU F 44 14.33 -7.49 17.27
N GLN F 45 13.55 -6.56 16.67
CA GLN F 45 12.08 -6.67 16.58
C GLN F 45 11.65 -7.87 15.74
N LEU F 46 12.48 -8.30 14.77
CA LEU F 46 12.20 -9.46 13.90
C LEU F 46 12.60 -10.77 14.53
N VAL F 47 13.76 -10.79 15.22
CA VAL F 47 14.22 -12.03 15.85
C VAL F 47 13.38 -12.45 17.02
N SER F 48 12.77 -11.49 17.74
CA SER F 48 12.01 -11.80 18.94
C SER F 48 10.94 -12.90 18.66
N PRO F 49 10.00 -12.73 17.68
CA PRO F 49 9.04 -13.81 17.37
C PRO F 49 9.72 -15.09 16.86
N LEU F 50 10.84 -14.98 16.12
CA LEU F 50 11.58 -16.16 15.63
C LEU F 50 12.14 -16.94 16.82
N ARG F 51 12.60 -16.22 17.86
CA ARG F 51 13.12 -16.85 19.09
C ARG F 51 11.99 -17.52 19.87
N ASN F 52 10.83 -16.83 20.01
CA ASN F 52 9.65 -17.40 20.69
C ASN F 52 9.15 -18.67 20.01
N ALA F 53 9.27 -18.74 18.67
CA ALA F 53 8.84 -19.92 17.89
C ALA F 53 9.87 -21.06 17.94
N GLY F 54 11.05 -20.81 18.54
CA GLY F 54 12.12 -21.81 18.64
C GLY F 54 12.85 -22.00 17.32
N LEU F 55 12.69 -21.03 16.38
CA LEU F 55 13.37 -21.08 15.09
C LEU F 55 14.82 -20.64 15.24
N VAL F 56 15.10 -19.87 16.32
CA VAL F 56 16.44 -19.41 16.66
C VAL F 56 16.58 -19.54 18.17
N LYS F 57 17.83 -19.59 18.63
CA LYS F 57 18.18 -19.68 20.04
C LYS F 57 19.18 -18.57 20.33
N SER F 58 19.00 -17.86 21.45
CA SER F 58 19.90 -16.80 21.88
C SER F 58 20.93 -17.38 22.87
N ILE F 59 22.22 -17.23 22.57
CA ILE F 59 23.28 -17.72 23.44
C ILE F 59 23.87 -16.48 24.11
N ARG F 60 23.90 -16.47 25.43
CA ARG F 60 24.39 -15.30 26.16
C ARG F 60 25.92 -15.23 26.25
N GLY F 61 26.44 -14.07 26.67
CA GLY F 61 27.87 -13.83 26.87
C GLY F 61 28.56 -13.00 25.81
N ALA F 62 29.86 -12.67 26.03
CA ALA F 62 30.71 -11.88 25.13
C ALA F 62 30.88 -12.55 23.76
N TYR F 63 30.88 -13.88 23.73
CA TYR F 63 31.00 -14.67 22.50
C TYR F 63 29.68 -15.29 22.13
N GLY F 64 28.61 -14.71 22.67
CA GLY F 64 27.25 -15.13 22.44
C GLY F 64 26.69 -14.62 21.12
N GLY F 65 25.39 -14.82 20.93
CA GLY F 65 24.72 -14.45 19.70
C GLY F 65 23.66 -15.46 19.38
N TYR F 66 23.18 -15.45 18.15
CA TYR F 66 22.14 -16.39 17.75
C TYR F 66 22.66 -17.59 17.00
N VAL F 67 21.90 -18.69 17.10
CA VAL F 67 22.08 -19.92 16.34
C VAL F 67 20.68 -20.34 15.88
N LEU F 68 20.60 -21.24 14.89
CA LEU F 68 19.32 -21.79 14.47
C LEU F 68 18.79 -22.73 15.54
N GLY F 69 17.48 -22.83 15.66
CA GLY F 69 16.85 -23.70 16.65
C GLY F 69 16.68 -25.13 16.18
N SER F 70 17.04 -25.39 14.90
CA SER F 70 16.96 -26.69 14.22
C SER F 70 17.99 -26.68 13.13
N GLU F 71 18.19 -27.84 12.47
CA GLU F 71 19.08 -27.96 11.32
C GLU F 71 18.53 -27.12 10.15
N PRO F 72 19.39 -26.50 9.31
CA PRO F 72 18.88 -25.65 8.21
C PRO F 72 17.90 -26.36 7.25
N ASP F 73 18.04 -27.69 7.09
CA ASP F 73 17.13 -28.45 6.19
C ASP F 73 15.76 -28.71 6.83
N ALA F 74 15.62 -28.44 8.13
CA ALA F 74 14.38 -28.65 8.86
C ALA F 74 13.58 -27.35 9.05
N ILE F 75 14.08 -26.22 8.51
CA ILE F 75 13.38 -24.92 8.57
C ILE F 75 13.08 -24.46 7.16
N THR F 76 11.81 -24.12 6.89
CA THR F 76 11.46 -23.63 5.55
C THR F 76 11.24 -22.14 5.58
N ALA F 77 11.20 -21.54 4.38
CA ALA F 77 10.88 -20.12 4.21
C ALA F 77 9.46 -19.88 4.74
N GLY F 78 8.56 -20.86 4.51
CA GLY F 78 7.18 -20.81 5.00
C GLY F 78 7.08 -20.76 6.53
N ASP F 79 7.91 -21.55 7.24
CA ASP F 79 7.94 -21.55 8.72
C ASP F 79 8.28 -20.15 9.25
N ILE F 80 9.20 -19.46 8.60
CA ILE F 80 9.64 -18.12 8.97
C ILE F 80 8.57 -17.09 8.69
N ILE F 81 8.03 -17.08 7.44
CA ILE F 81 7.02 -16.08 7.04
C ILE F 81 5.74 -16.18 7.89
N ARG F 82 5.30 -17.40 8.20
CA ARG F 82 4.07 -17.60 9.01
C ARG F 82 4.18 -16.98 10.42
N VAL F 83 5.39 -17.01 11.01
CA VAL F 83 5.66 -16.43 12.33
C VAL F 83 5.71 -14.91 12.26
N LEU F 84 6.40 -14.39 11.26
CA LEU F 84 6.55 -12.94 11.16
C LEU F 84 5.38 -12.19 10.56
N GLU F 85 4.71 -12.77 9.58
CA GLU F 85 3.70 -12.02 8.83
C GLU F 85 2.31 -12.55 8.92
N GLY F 86 2.16 -13.78 9.39
CA GLY F 86 0.85 -14.43 9.47
C GLY F 86 0.57 -15.23 8.21
N PRO F 87 -0.72 -15.47 7.89
CA PRO F 87 -1.06 -16.29 6.70
C PRO F 87 -0.69 -15.64 5.37
N ILE F 88 -0.32 -16.46 4.39
CA ILE F 88 0.07 -16.04 3.03
C ILE F 88 -1.18 -15.68 2.22
N SER F 89 -1.25 -14.46 1.67
CA SER F 89 -2.37 -14.02 0.83
C SER F 89 -1.85 -13.14 -0.32
N PRO F 90 -1.30 -13.76 -1.40
CA PRO F 90 -0.72 -12.95 -2.51
C PRO F 90 -1.71 -12.00 -3.20
N VAL F 91 -2.97 -12.44 -3.36
CA VAL F 91 -4.06 -11.62 -3.94
C VAL F 91 -5.23 -11.75 -3.00
N GLU F 92 -5.74 -10.61 -2.50
CA GLU F 92 -6.91 -10.62 -1.62
C GLU F 92 -8.12 -11.12 -2.38
N VAL F 93 -8.88 -12.01 -1.77
CA VAL F 93 -10.13 -12.48 -2.34
C VAL F 93 -11.16 -11.50 -1.75
N LEU F 94 -12.04 -10.96 -2.59
CA LEU F 94 -13.04 -9.96 -2.18
C LEU F 94 -14.43 -10.55 -2.11
N GLU F 95 -15.30 -9.98 -1.24
CA GLU F 95 -16.69 -10.39 -1.05
C GLU F 95 -17.42 -10.38 -2.41
N ASP F 96 -18.21 -11.43 -2.66
CA ASP F 96 -19.00 -11.65 -3.88
C ASP F 96 -18.20 -11.71 -5.19
N GLU F 97 -16.86 -11.91 -5.10
CA GLU F 97 -16.04 -12.03 -6.30
C GLU F 97 -16.46 -13.28 -7.09
N GLU F 98 -16.40 -13.16 -8.42
CA GLU F 98 -16.75 -14.20 -9.38
CA GLU F 98 -16.75 -14.20 -9.38
C GLU F 98 -15.95 -15.50 -9.08
N PRO F 99 -16.59 -16.72 -9.08
CA PRO F 99 -15.82 -17.95 -8.82
C PRO F 99 -14.57 -18.17 -9.70
N ALA F 100 -14.58 -17.73 -10.99
CA ALA F 100 -13.43 -17.88 -11.89
C ALA F 100 -12.22 -17.09 -11.35
N LYS F 101 -12.45 -15.85 -10.85
CA LYS F 101 -11.38 -15.02 -10.30
C LYS F 101 -10.89 -15.58 -8.97
N ARG F 102 -11.82 -16.05 -8.13
CA ARG F 102 -11.49 -16.65 -6.83
C ARG F 102 -10.61 -17.87 -7.04
N GLU F 103 -10.96 -18.72 -8.06
CA GLU F 103 -10.14 -19.86 -8.44
C GLU F 103 -8.72 -19.42 -8.87
N LEU F 104 -8.58 -18.36 -9.69
CA LEU F 104 -7.27 -17.86 -10.08
C LEU F 104 -6.42 -17.46 -8.83
N TRP F 105 -7.04 -16.76 -7.85
CA TRP F 105 -6.32 -16.35 -6.62
C TRP F 105 -5.89 -17.55 -5.80
N ILE F 106 -6.73 -18.60 -5.74
CA ILE F 106 -6.42 -19.84 -5.01
C ILE F 106 -5.22 -20.53 -5.66
N ARG F 107 -5.21 -20.59 -7.01
CA ARG F 107 -4.10 -21.20 -7.74
C ARG F 107 -2.79 -20.44 -7.48
N ILE F 108 -2.85 -19.09 -7.48
CA ILE F 108 -1.67 -18.25 -7.19
C ILE F 108 -1.20 -18.54 -5.75
N ARG F 109 -2.12 -18.53 -4.78
CA ARG F 109 -1.85 -18.79 -3.38
C ARG F 109 -1.20 -20.17 -3.18
N ASP F 110 -1.73 -21.21 -3.85
CA ASP F 110 -1.16 -22.55 -3.74
C ASP F 110 0.25 -22.60 -4.32
N ALA F 111 0.51 -21.92 -5.45
CA ALA F 111 1.84 -21.94 -6.05
C ALA F 111 2.86 -21.23 -5.14
N VAL F 112 2.46 -20.11 -4.51
CA VAL F 112 3.33 -19.36 -3.59
C VAL F 112 3.60 -20.21 -2.36
N LYS F 113 2.55 -20.81 -1.78
CA LYS F 113 2.65 -21.68 -0.61
C LYS F 113 3.58 -22.88 -0.87
N GLU F 114 3.50 -23.47 -2.09
CA GLU F 114 4.36 -24.60 -2.45
C GLU F 114 5.84 -24.18 -2.48
N VAL F 115 6.13 -22.96 -3.00
CA VAL F 115 7.51 -22.42 -3.00
C VAL F 115 8.01 -22.27 -1.55
N LEU F 116 7.17 -21.70 -0.70
CA LEU F 116 7.52 -21.46 0.72
C LEU F 116 7.70 -22.72 1.50
N ASP F 117 6.87 -23.71 1.23
CA ASP F 117 6.92 -24.96 1.97
C ASP F 117 7.97 -25.94 1.48
N SER F 118 8.44 -25.78 0.23
CA SER F 118 9.43 -26.70 -0.32
C SER F 118 10.85 -26.11 -0.30
N THR F 119 11.00 -24.82 0.05
CA THR F 119 12.32 -24.17 0.11
C THR F 119 12.82 -24.16 1.54
N THR F 120 13.95 -24.84 1.80
CA THR F 120 14.52 -24.90 3.15
C THR F 120 15.58 -23.81 3.27
N LEU F 121 16.07 -23.53 4.50
CA LEU F 121 17.16 -22.56 4.71
C LEU F 121 18.46 -23.13 4.15
N GLU F 122 18.63 -24.46 4.24
CA GLU F 122 19.80 -25.15 3.70
C GLU F 122 19.90 -24.87 2.20
N ASP F 123 18.78 -24.97 1.47
CA ASP F 123 18.68 -24.69 0.05
C ASP F 123 19.09 -23.25 -0.25
N LEU F 124 18.51 -22.27 0.48
CA LEU F 124 18.82 -20.86 0.24
C LEU F 124 20.25 -20.51 0.59
N ALA F 125 20.80 -21.09 1.69
CA ALA F 125 22.16 -20.87 2.13
C ALA F 125 23.20 -21.41 1.14
N SER F 126 22.80 -22.35 0.27
CA SER F 126 23.68 -22.96 -0.74
C SER F 126 24.00 -22.01 -1.91
N TYR F 127 23.30 -20.87 -2.02
CA TYR F 127 23.57 -19.88 -3.05
C TYR F 127 24.64 -18.89 -2.56
N THR F 128 25.77 -18.91 -3.26
CA THR F 128 26.95 -18.11 -3.00
C THR F 128 27.22 -17.18 -4.21
N ASP F 129 28.06 -16.16 -3.99
CA ASP F 129 28.41 -15.17 -5.02
C ASP F 129 29.60 -15.57 -5.88
#